data_3TTL
#
_entry.id   3TTL
#
_cell.length_a   64.323
_cell.length_b   48.841
_cell.length_c   114.334
_cell.angle_alpha   90.00
_cell.angle_beta   103.24
_cell.angle_gamma   90.00
#
_symmetry.space_group_name_H-M   'P 1 21 1'
#
loop_
_entity.id
_entity.type
_entity.pdbx_description
1 polymer 'Polyamine transport protein'
2 water water
#
_entity_poly.entity_id   1
_entity_poly.type   'polypeptide(L)'
_entity_poly.pdbx_seq_one_letter_code
;GPLGSSLHIYNWTDYIAPTTLKDFTKESGIDVSYDVFDSNETLEGKLVSGHSGYDIVVPSNNFLGKQIQAGAFQKLDKSK
LPNWKNLDPALLKQLEVSDPGNQYAVPYLWGTNGIGYNVAKVKEVLGDQPIDSWAILFEPENMKKLAKCGVAFMDSGDEM
LPAALNYLGLDPNTHDPKDYKKAEEVLTKVRPYVSYFHSSKYISDLANGNICVAFGYSGDVFQAAARAEEAGKGIDIQYV
IPKEGANLWFDLMAIPADAKAADNAYAFIDYLLRPEVIAKVSDYVGYANAIPGARPLMDKSVSDSEEVYPPQAVLDKLYV
SAVLPAKVLRLQTRTWTRIK
;
_entity_poly.pdbx_strand_id   A,B
#
# COMPACT_ATOMS: atom_id res chain seq x y z
N SER A 6 5.13 -4.34 -50.90
CA SER A 6 5.38 -5.33 -49.83
C SER A 6 5.21 -4.67 -48.42
N LEU A 7 4.69 -5.40 -47.44
CA LEU A 7 4.62 -4.91 -46.04
C LEU A 7 5.76 -5.50 -45.23
N HIS A 8 6.60 -4.65 -44.63
CA HIS A 8 7.74 -5.13 -43.84
C HIS A 8 7.42 -5.21 -42.33
N ILE A 9 7.53 -6.41 -41.75
CA ILE A 9 7.19 -6.65 -40.35
C ILE A 9 8.40 -7.18 -39.58
N TYR A 10 8.58 -6.74 -38.33
CA TYR A 10 9.69 -7.19 -37.48
C TYR A 10 9.15 -7.61 -36.14
N ASN A 11 9.25 -8.91 -35.85
CA ASN A 11 8.65 -9.54 -34.68
C ASN A 11 9.65 -10.50 -34.07
N TRP A 12 9.34 -11.04 -32.89
CA TRP A 12 10.14 -12.12 -32.29
C TRP A 12 10.06 -13.36 -33.17
N THR A 13 11.09 -14.21 -33.10
CA THR A 13 11.06 -15.51 -33.81
C THR A 13 9.92 -16.34 -33.26
N ASP A 14 9.30 -17.14 -34.12
CA ASP A 14 8.33 -18.15 -33.68
C ASP A 14 7.27 -17.54 -32.79
N TYR A 15 6.70 -16.41 -33.18
CA TYR A 15 5.78 -15.66 -32.31
C TYR A 15 4.55 -15.27 -33.09
N ILE A 16 4.05 -16.20 -33.89
CA ILE A 16 2.95 -15.96 -34.82
C ILE A 16 2.37 -17.35 -35.13
N ALA A 17 1.09 -17.46 -35.49
CA ALA A 17 0.57 -18.78 -35.85
C ALA A 17 1.01 -19.21 -37.27
N PRO A 18 1.13 -20.51 -37.53
CA PRO A 18 1.65 -21.01 -38.82
C PRO A 18 0.92 -20.44 -40.04
N THR A 19 -0.38 -20.22 -39.94
CA THR A 19 -1.16 -19.84 -41.12
C THR A 19 -1.40 -18.35 -41.25
N THR A 20 -1.01 -17.59 -40.24
CA THR A 20 -1.43 -16.21 -40.15
C THR A 20 -1.09 -15.39 -41.40
N LEU A 21 0.17 -15.44 -41.82
CA LEU A 21 0.63 -14.56 -42.89
C LEU A 21 0.03 -14.93 -44.25
N LYS A 22 0.05 -16.21 -44.63
CA LYS A 22 -0.66 -16.63 -45.83
C LYS A 22 -2.16 -16.28 -45.76
N ASP A 23 -2.81 -16.55 -44.62
CA ASP A 23 -4.25 -16.20 -44.49
C ASP A 23 -4.38 -14.73 -44.81
N PHE A 24 -3.53 -13.90 -44.18
CA PHE A 24 -3.59 -12.45 -44.41
C PHE A 24 -3.38 -12.07 -45.87
N THR A 25 -2.36 -12.63 -46.49
CA THR A 25 -2.03 -12.25 -47.84
C THR A 25 -3.11 -12.70 -48.81
N LYS A 26 -3.71 -13.85 -48.53
CA LYS A 26 -4.76 -14.38 -49.39
C LYS A 26 -6.01 -13.53 -49.37
N GLU A 27 -6.24 -12.80 -48.27
CA GLU A 27 -7.48 -12.03 -48.16
C GLU A 27 -7.34 -10.55 -48.47
N SER A 28 -6.13 -10.02 -48.38
CA SER A 28 -5.93 -8.61 -48.65
C SER A 28 -5.11 -8.40 -49.92
N GLY A 29 -4.41 -9.45 -50.35
CA GLY A 29 -3.51 -9.35 -51.49
C GLY A 29 -2.23 -8.57 -51.18
N ILE A 30 -1.99 -8.27 -49.91
CA ILE A 30 -0.76 -7.59 -49.50
C ILE A 30 0.35 -8.61 -49.31
N ASP A 31 1.48 -8.39 -49.97
CA ASP A 31 2.64 -9.28 -49.83
C ASP A 31 3.44 -8.85 -48.61
N VAL A 32 3.86 -9.79 -47.78
CA VAL A 32 4.59 -9.40 -46.59
C VAL A 32 6.02 -9.85 -46.62
N SER A 33 6.89 -8.96 -46.21
CA SER A 33 8.24 -9.30 -45.87
C SER A 33 8.36 -9.38 -44.32
N TYR A 34 8.55 -10.58 -43.78
CA TYR A 34 8.43 -10.80 -42.33
C TYR A 34 9.77 -11.23 -41.76
N ASP A 35 10.46 -10.33 -41.04
CA ASP A 35 11.74 -10.67 -40.42
C ASP A 35 11.62 -10.85 -38.92
N VAL A 36 12.59 -11.55 -38.31
CA VAL A 36 12.50 -11.86 -36.88
C VAL A 36 13.76 -11.53 -36.09
N PHE A 37 13.57 -11.30 -34.81
CA PHE A 37 14.69 -11.10 -33.90
C PHE A 37 14.51 -12.00 -32.69
N ASP A 38 15.61 -12.40 -32.05
CA ASP A 38 15.50 -13.27 -30.88
C ASP A 38 16.03 -12.57 -29.64
N SER A 39 16.06 -11.25 -29.72
CA SER A 39 16.46 -10.42 -28.59
C SER A 39 15.94 -9.00 -28.74
N ASN A 40 15.54 -8.45 -27.61
CA ASN A 40 15.04 -7.11 -27.49
C ASN A 40 15.99 -6.04 -28.03
N GLU A 41 17.24 -6.14 -27.58
CA GLU A 41 18.31 -5.21 -27.95
C GLU A 41 18.37 -4.96 -29.45
N THR A 42 18.22 -6.04 -30.21
CA THR A 42 18.28 -5.95 -31.66
C THR A 42 17.23 -5.00 -32.20
N LEU A 43 16.00 -5.15 -31.74
CA LEU A 43 14.92 -4.29 -32.22
C LEU A 43 15.15 -2.86 -31.79
N GLU A 44 15.41 -2.68 -30.50
CA GLU A 44 15.51 -1.33 -29.96
C GLU A 44 16.62 -0.55 -30.67
N GLY A 45 17.72 -1.23 -30.94
CA GLY A 45 18.85 -0.62 -31.66
C GLY A 45 18.43 -0.04 -32.99
N LYS A 46 17.76 -0.85 -33.79
CA LYS A 46 17.26 -0.36 -35.08
C LYS A 46 16.25 0.78 -34.95
N LEU A 47 15.45 0.75 -33.88
CA LEU A 47 14.45 1.79 -33.65
C LEU A 47 15.06 3.10 -33.17
N VAL A 48 16.13 3.04 -32.40
CA VAL A 48 16.79 4.26 -31.91
C VAL A 48 17.57 5.02 -33.02
N SER A 49 18.04 4.29 -34.03
CA SER A 49 18.77 4.90 -35.14
C SER A 49 17.92 5.85 -35.98
N GLY A 50 16.62 5.57 -36.05
CA GLY A 50 15.73 6.35 -36.92
C GLY A 50 15.33 5.62 -38.20
N HIS A 51 16.17 4.71 -38.68
CA HIS A 51 15.72 3.99 -39.86
C HIS A 51 15.83 2.48 -39.90
N SER A 52 14.82 1.83 -39.32
CA SER A 52 14.54 0.42 -39.54
C SER A 52 13.46 0.42 -40.60
N GLY A 53 13.78 -0.07 -41.78
CA GLY A 53 12.77 -0.07 -42.85
C GLY A 53 11.52 -0.90 -42.56
N TYR A 54 11.01 -0.85 -41.33
CA TYR A 54 9.86 -1.68 -41.02
C TYR A 54 8.59 -0.87 -40.94
N ASP A 55 7.48 -1.47 -41.35
CA ASP A 55 6.20 -0.79 -41.29
C ASP A 55 5.49 -1.15 -39.99
N ILE A 56 5.83 -2.34 -39.48
CA ILE A 56 5.27 -2.83 -38.23
C ILE A 56 6.42 -3.40 -37.43
N VAL A 57 6.52 -3.05 -36.17
CA VAL A 57 7.46 -3.69 -35.28
C VAL A 57 6.69 -4.08 -34.02
N VAL A 58 7.20 -5.03 -33.26
CA VAL A 58 6.48 -5.50 -32.08
C VAL A 58 7.35 -5.27 -30.83
N PRO A 59 7.33 -4.05 -30.31
CA PRO A 59 8.10 -3.78 -29.11
C PRO A 59 7.33 -4.16 -27.82
N SER A 60 8.04 -4.12 -26.70
CA SER A 60 7.46 -4.32 -25.37
C SER A 60 6.82 -3.00 -24.98
N ASN A 61 5.83 -3.05 -24.10
CA ASN A 61 5.17 -1.86 -23.61
C ASN A 61 6.13 -0.99 -22.79
N ASN A 62 7.13 -1.59 -22.17
CA ASN A 62 8.18 -0.79 -21.52
C ASN A 62 8.99 0.04 -22.53
N PHE A 63 9.48 -0.62 -23.57
CA PHE A 63 10.29 0.09 -24.55
C PHE A 63 9.47 1.19 -25.19
N LEU A 64 8.27 0.86 -25.62
CA LEU A 64 7.43 1.84 -26.31
C LEU A 64 7.09 3.05 -25.42
N GLY A 65 6.88 2.82 -24.13
CA GLY A 65 6.49 3.90 -23.24
C GLY A 65 7.59 4.94 -23.18
N LYS A 66 8.84 4.46 -23.16
CA LYS A 66 10.01 5.31 -23.06
C LYS A 66 10.35 5.97 -24.38
N GLN A 67 10.01 5.34 -25.49
CA GLN A 67 10.38 5.88 -26.79
C GLN A 67 9.32 6.79 -27.43
N ILE A 68 8.09 6.76 -26.92
CA ILE A 68 7.08 7.65 -27.48
C ILE A 68 7.66 9.06 -27.53
N GLN A 69 8.09 9.56 -26.36
CA GLN A 69 8.67 10.89 -26.29
C GLN A 69 9.78 11.12 -27.33
N ALA A 70 10.51 10.06 -27.68
CA ALA A 70 11.58 10.21 -28.66
C ALA A 70 11.03 10.33 -30.07
N GLY A 71 9.73 10.20 -30.21
CA GLY A 71 9.14 10.21 -31.54
C GLY A 71 9.55 9.01 -32.40
N ALA A 72 9.79 7.84 -31.80
CA ALA A 72 10.15 6.63 -32.59
C ALA A 72 8.96 6.02 -33.33
N PHE A 73 7.76 6.36 -32.89
CA PHE A 73 6.57 5.77 -33.45
C PHE A 73 5.62 6.88 -33.88
N GLN A 74 4.68 6.54 -34.76
CA GLN A 74 3.67 7.50 -35.21
C GLN A 74 2.28 7.17 -34.68
N LYS A 75 1.47 8.20 -34.45
CA LYS A 75 0.13 8.02 -33.90
C LYS A 75 -0.74 7.20 -34.83
N LEU A 76 -1.56 6.35 -34.26
CA LEU A 76 -2.40 5.50 -35.08
C LEU A 76 -3.62 6.29 -35.54
N ASP A 77 -3.86 6.30 -36.85
CA ASP A 77 -5.13 6.79 -37.38
C ASP A 77 -6.19 5.71 -37.17
N LYS A 78 -6.94 5.88 -36.11
CA LYS A 78 -7.95 4.89 -35.74
C LYS A 78 -9.12 4.75 -36.72
N SER A 79 -9.26 5.66 -37.68
CA SER A 79 -10.32 5.45 -38.66
C SER A 79 -9.95 4.25 -39.54
N LYS A 80 -8.67 3.92 -39.62
CA LYS A 80 -8.22 2.72 -40.37
C LYS A 80 -8.09 1.44 -39.53
N LEU A 81 -8.56 1.49 -38.29
CA LEU A 81 -8.61 0.34 -37.43
C LEU A 81 -10.05 0.13 -36.94
N PRO A 82 -10.95 -0.22 -37.86
CA PRO A 82 -12.36 -0.38 -37.46
C PRO A 82 -12.60 -1.59 -36.51
N ASN A 83 -11.60 -2.45 -36.37
CA ASN A 83 -11.75 -3.56 -35.44
C ASN A 83 -11.28 -3.19 -34.02
N TRP A 84 -10.84 -1.95 -33.84
CA TRP A 84 -10.42 -1.48 -32.54
C TRP A 84 -11.44 -1.85 -31.45
N LYS A 85 -12.72 -1.87 -31.83
CA LYS A 85 -13.79 -2.15 -30.88
C LYS A 85 -13.83 -3.61 -30.38
N ASN A 86 -13.04 -4.49 -31.01
CA ASN A 86 -12.85 -5.84 -30.49
C ASN A 86 -11.94 -5.89 -29.24
N LEU A 87 -11.15 -4.86 -29.03
CA LEU A 87 -10.21 -4.88 -27.93
C LEU A 87 -10.90 -4.80 -26.56
N ASP A 88 -10.31 -5.42 -25.55
CA ASP A 88 -10.85 -5.37 -24.20
C ASP A 88 -10.54 -4.01 -23.59
N PRO A 89 -11.58 -3.29 -23.13
CA PRO A 89 -11.34 -1.96 -22.62
C PRO A 89 -10.52 -1.90 -21.34
N ALA A 90 -10.64 -2.90 -20.48
CA ALA A 90 -9.89 -2.88 -19.23
C ALA A 90 -8.38 -3.06 -19.46
N LEU A 91 -8.04 -3.88 -20.45
CA LEU A 91 -6.67 -4.16 -20.74
C LEU A 91 -6.11 -2.95 -21.41
N LEU A 92 -6.92 -2.32 -22.24
CA LEU A 92 -6.50 -1.12 -22.91
C LEU A 92 -6.28 -0.01 -21.89
N LYS A 93 -7.15 0.07 -20.89
CA LYS A 93 -7.03 1.08 -19.86
C LYS A 93 -5.72 0.87 -19.09
N GLN A 94 -5.41 -0.37 -18.78
CA GLN A 94 -4.14 -0.76 -18.20
C GLN A 94 -2.98 -0.30 -19.06
N LEU A 95 -3.11 -0.49 -20.35
CA LEU A 95 -2.04 -0.18 -21.28
C LEU A 95 -1.71 1.33 -21.30
N GLU A 96 -2.66 2.16 -20.86
CA GLU A 96 -2.47 3.62 -20.97
C GLU A 96 -1.37 4.10 -20.05
N VAL A 97 -1.09 3.32 -19.02
CA VAL A 97 0.07 3.62 -18.22
C VAL A 97 1.32 3.81 -19.11
N SER A 98 1.48 2.99 -20.16
CA SER A 98 2.66 3.14 -21.05
C SER A 98 2.40 4.02 -22.27
N ASP A 99 1.14 4.08 -22.69
CA ASP A 99 0.77 4.78 -23.92
C ASP A 99 -0.51 5.55 -23.65
N PRO A 100 -0.38 6.70 -22.99
CA PRO A 100 -1.60 7.44 -22.61
C PRO A 100 -2.54 7.68 -23.81
N GLY A 101 -3.83 7.41 -23.63
CA GLY A 101 -4.80 7.57 -24.73
C GLY A 101 -4.75 6.47 -25.77
N ASN A 102 -3.90 5.46 -25.55
CA ASN A 102 -3.66 4.39 -26.53
C ASN A 102 -3.40 4.95 -27.91
N GLN A 103 -2.53 5.93 -27.99
CA GLN A 103 -2.33 6.64 -29.25
C GLN A 103 -1.47 5.92 -30.27
N TYR A 104 -0.58 5.03 -29.81
CA TYR A 104 0.46 4.51 -30.69
C TYR A 104 0.49 3.00 -30.85
N ALA A 105 -0.16 2.28 -29.95
CA ALA A 105 0.11 0.84 -29.80
C ALA A 105 -1.15 0.01 -29.72
N VAL A 106 -1.10 -1.17 -30.35
CA VAL A 106 -2.18 -2.14 -30.41
C VAL A 106 -1.65 -3.41 -29.77
N PRO A 107 -2.34 -3.92 -28.75
CA PRO A 107 -1.97 -5.16 -28.11
C PRO A 107 -1.82 -6.28 -29.12
N TYR A 108 -0.78 -7.08 -28.95
CA TYR A 108 -0.59 -8.30 -29.72
C TYR A 108 -0.78 -9.49 -28.80
N LEU A 109 0.15 -9.70 -27.88
CA LEU A 109 -0.01 -10.71 -26.82
C LEU A 109 0.32 -10.10 -25.46
N TRP A 110 -0.08 -10.75 -24.37
CA TRP A 110 0.35 -10.28 -23.06
C TRP A 110 0.69 -11.40 -22.07
N GLY A 111 1.40 -11.04 -21.00
CA GLY A 111 1.74 -12.02 -19.96
C GLY A 111 1.87 -11.42 -18.58
N THR A 112 2.42 -12.19 -17.65
CA THR A 112 2.58 -11.69 -16.31
C THR A 112 3.93 -12.11 -15.73
N ASN A 113 4.23 -11.67 -14.53
CA ASN A 113 5.21 -12.39 -13.75
C ASN A 113 4.40 -12.99 -12.62
N GLY A 114 5.01 -13.92 -11.90
CA GLY A 114 4.26 -14.77 -11.00
C GLY A 114 5.24 -15.78 -10.47
N ILE A 115 4.73 -16.91 -10.01
CA ILE A 115 5.54 -17.92 -9.39
C ILE A 115 5.45 -19.20 -10.18
N GLY A 116 6.58 -19.80 -10.50
CA GLY A 116 6.58 -21.06 -11.18
C GLY A 116 7.09 -22.04 -10.16
N TYR A 117 6.54 -23.24 -10.16
CA TYR A 117 6.89 -24.17 -9.13
C TYR A 117 6.66 -25.60 -9.51
N ASN A 118 7.43 -26.49 -8.90
CA ASN A 118 7.31 -27.92 -9.06
C ASN A 118 6.27 -28.38 -8.03
N VAL A 119 5.12 -28.82 -8.49
CA VAL A 119 4.00 -29.12 -7.61
C VAL A 119 4.31 -30.15 -6.55
N ALA A 120 4.82 -31.31 -6.96
CA ALA A 120 5.12 -32.40 -6.05
C ALA A 120 6.12 -31.95 -5.00
N LYS A 121 7.14 -31.23 -5.43
CA LYS A 121 8.22 -30.81 -4.54
C LYS A 121 7.78 -29.78 -3.51
N VAL A 122 6.87 -28.88 -3.90
CA VAL A 122 6.30 -27.97 -2.96
C VAL A 122 5.51 -28.77 -1.91
N LYS A 123 4.77 -29.77 -2.33
CA LYS A 123 4.01 -30.58 -1.38
C LYS A 123 4.90 -31.28 -0.31
N GLU A 124 6.09 -31.71 -0.69
CA GLU A 124 6.96 -32.38 0.28
C GLU A 124 7.41 -31.51 1.43
N VAL A 125 7.51 -30.20 1.21
CA VAL A 125 7.90 -29.30 2.30
C VAL A 125 6.81 -28.34 2.82
N LEU A 126 5.80 -28.09 2.00
CA LEU A 126 4.67 -27.22 2.38
C LEU A 126 3.35 -27.94 2.56
N GLY A 127 3.29 -29.21 2.22
CA GLY A 127 2.02 -29.90 2.32
C GLY A 127 1.02 -29.33 1.33
N ASP A 128 -0.26 -29.38 1.67
CA ASP A 128 -1.29 -28.97 0.72
C ASP A 128 -1.51 -27.46 0.80
N GLN A 129 -0.55 -26.74 1.37
CA GLN A 129 -0.71 -25.30 1.49
C GLN A 129 -0.96 -24.70 0.11
N PRO A 130 -1.96 -23.84 -0.02
CA PRO A 130 -2.21 -23.20 -1.32
C PRO A 130 -1.04 -22.30 -1.73
N ILE A 131 -0.67 -22.37 -3.00
CA ILE A 131 0.37 -21.50 -3.53
C ILE A 131 -0.29 -20.42 -4.36
N ASP A 132 -0.72 -19.34 -3.71
CA ASP A 132 -1.55 -18.34 -4.34
C ASP A 132 -1.23 -16.97 -3.82
N SER A 133 -0.10 -16.84 -3.15
CA SER A 133 0.31 -15.54 -2.65
C SER A 133 1.80 -15.31 -2.88
N TRP A 134 2.19 -14.04 -2.97
CA TRP A 134 3.60 -13.71 -3.06
C TRP A 134 4.25 -13.96 -1.72
N ALA A 135 3.44 -14.27 -0.71
CA ALA A 135 3.99 -14.63 0.61
C ALA A 135 4.83 -15.87 0.50
N ILE A 136 4.56 -16.70 -0.49
CA ILE A 136 5.36 -17.87 -0.69
C ILE A 136 6.85 -17.50 -0.89
N LEU A 137 7.09 -16.37 -1.55
CA LEU A 137 8.44 -15.93 -1.83
C LEU A 137 8.87 -14.87 -0.81
N PHE A 138 7.93 -14.12 -0.23
CA PHE A 138 8.33 -12.96 0.57
C PHE A 138 8.23 -13.11 2.11
N GLU A 139 7.69 -14.23 2.58
CA GLU A 139 7.56 -14.45 4.02
C GLU A 139 8.56 -15.51 4.42
N PRO A 140 9.43 -15.17 5.39
CA PRO A 140 10.36 -16.12 5.99
C PRO A 140 9.70 -17.43 6.37
N GLU A 141 8.46 -17.40 6.87
CA GLU A 141 7.84 -18.64 7.29
C GLU A 141 7.77 -19.65 6.16
N ASN A 142 7.54 -19.18 4.94
CA ASN A 142 7.50 -20.10 3.77
C ASN A 142 8.89 -20.35 3.18
N MET A 143 9.65 -19.28 2.98
CA MET A 143 10.95 -19.38 2.32
C MET A 143 11.88 -20.29 3.11
N LYS A 144 11.79 -20.21 4.44
CA LYS A 144 12.60 -21.00 5.36
C LYS A 144 12.43 -22.48 5.06
N LYS A 145 11.21 -22.89 4.70
CA LYS A 145 10.95 -24.29 4.38
C LYS A 145 11.24 -24.66 2.93
N LEU A 146 11.12 -23.68 2.05
CA LEU A 146 11.31 -23.92 0.62
C LEU A 146 12.81 -23.94 0.31
N ALA A 147 13.57 -23.29 1.18
CA ALA A 147 15.00 -23.20 0.99
C ALA A 147 15.60 -24.57 0.79
N LYS A 148 14.99 -25.60 1.39
CA LYS A 148 15.51 -26.97 1.26
C LYS A 148 15.50 -27.47 -0.18
N CYS A 149 14.47 -27.11 -0.92
CA CYS A 149 14.31 -27.56 -2.30
C CYS A 149 14.90 -26.63 -3.33
N GLY A 150 15.19 -25.39 -2.94
CA GLY A 150 15.76 -24.42 -3.88
C GLY A 150 14.75 -23.42 -4.38
N VAL A 151 15.02 -22.16 -4.12
CA VAL A 151 14.19 -21.07 -4.55
C VAL A 151 15.06 -20.17 -5.44
N ALA A 152 14.64 -19.92 -6.67
CA ALA A 152 15.39 -19.01 -7.49
C ALA A 152 14.68 -17.67 -7.66
N PHE A 153 15.44 -16.60 -7.49
CA PHE A 153 14.97 -15.24 -7.67
C PHE A 153 15.64 -14.74 -8.95
N MET A 154 15.00 -13.79 -9.61
CA MET A 154 15.57 -13.21 -10.82
C MET A 154 16.58 -12.16 -10.43
N ASP A 155 17.27 -11.56 -11.39
CA ASP A 155 18.42 -10.74 -10.99
C ASP A 155 18.38 -9.24 -11.27
N SER A 156 17.21 -8.62 -11.13
CA SER A 156 17.15 -7.17 -11.26
C SER A 156 16.03 -6.61 -10.39
N GLY A 157 16.27 -5.46 -9.79
CA GLY A 157 15.28 -4.92 -8.89
C GLY A 157 14.08 -4.36 -9.63
N ASP A 158 14.26 -4.10 -10.93
CA ASP A 158 13.22 -3.49 -11.73
C ASP A 158 11.94 -4.35 -11.83
N GLU A 159 12.08 -5.64 -11.52
CA GLU A 159 10.96 -6.60 -11.57
C GLU A 159 10.62 -7.15 -10.19
N MET A 160 11.64 -7.45 -9.42
CA MET A 160 11.44 -8.00 -8.10
C MET A 160 10.97 -6.93 -7.08
N LEU A 161 11.41 -5.69 -7.24
CA LEU A 161 11.06 -4.67 -6.26
C LEU A 161 9.60 -4.22 -6.43
N PRO A 162 9.17 -3.99 -7.66
CA PRO A 162 7.77 -3.71 -7.79
C PRO A 162 6.89 -4.81 -7.21
N ALA A 163 7.26 -6.07 -7.44
CA ALA A 163 6.52 -7.20 -6.86
C ALA A 163 6.35 -7.05 -5.38
N ALA A 164 7.44 -6.73 -4.68
CA ALA A 164 7.41 -6.68 -3.22
C ALA A 164 6.61 -5.49 -2.74
N LEU A 165 6.69 -4.41 -3.47
CA LEU A 165 5.98 -3.21 -3.12
C LEU A 165 4.48 -3.55 -3.18
N ASN A 166 4.06 -4.01 -4.34
CA ASN A 166 2.72 -4.46 -4.52
C ASN A 166 2.30 -5.46 -3.45
N TYR A 167 3.13 -6.47 -3.19
CA TYR A 167 2.80 -7.40 -2.09
C TYR A 167 2.46 -6.65 -0.82
N LEU A 168 3.25 -5.66 -0.47
CA LEU A 168 3.03 -4.91 0.75
C LEU A 168 1.81 -4.03 0.62
N GLY A 169 1.35 -3.84 -0.61
CA GLY A 169 0.20 -2.99 -0.86
C GLY A 169 0.61 -1.59 -1.25
N LEU A 170 1.92 -1.36 -1.37
CA LEU A 170 2.46 -0.07 -1.79
C LEU A 170 2.36 0.07 -3.31
N ASP A 171 2.59 1.26 -3.83
CA ASP A 171 2.54 1.51 -5.27
C ASP A 171 3.77 0.88 -5.96
N PRO A 172 3.54 -0.10 -6.84
CA PRO A 172 4.66 -0.77 -7.47
C PRO A 172 5.48 0.24 -8.28
N ASN A 173 4.84 1.31 -8.71
CA ASN A 173 5.49 2.37 -9.48
C ASN A 173 5.85 3.61 -8.66
N THR A 174 5.95 3.45 -7.36
CA THR A 174 6.25 4.58 -6.47
C THR A 174 7.63 5.18 -6.77
N HIS A 175 7.79 6.49 -6.57
CA HIS A 175 9.09 7.14 -6.66
C HIS A 175 9.67 7.34 -5.25
N ASP A 176 8.92 6.99 -4.22
CA ASP A 176 9.30 7.36 -2.87
C ASP A 176 10.33 6.40 -2.22
N PRO A 177 11.57 6.91 -1.98
CA PRO A 177 12.62 6.16 -1.29
C PRO A 177 12.14 5.46 -0.01
N LYS A 178 11.14 6.01 0.65
CA LYS A 178 10.68 5.39 1.89
C LYS A 178 9.93 4.10 1.61
N ASP A 179 9.09 4.10 0.57
CA ASP A 179 8.45 2.87 0.09
C ASP A 179 9.53 1.83 -0.28
N TYR A 180 10.55 2.23 -1.04
CA TYR A 180 11.64 1.33 -1.37
C TYR A 180 12.28 0.68 -0.12
N LYS A 181 12.50 1.45 0.93
CA LYS A 181 13.10 0.88 2.15
C LYS A 181 12.32 -0.32 2.68
N LYS A 182 10.99 -0.16 2.79
CA LYS A 182 10.09 -1.23 3.27
C LYS A 182 10.19 -2.49 2.42
N ALA A 183 10.11 -2.31 1.11
CA ALA A 183 10.24 -3.46 0.22
C ALA A 183 11.64 -4.05 0.35
N GLU A 184 12.62 -3.19 0.57
CA GLU A 184 13.98 -3.69 0.80
C GLU A 184 13.99 -4.57 2.03
N GLU A 185 13.35 -4.11 3.09
CA GLU A 185 13.30 -4.87 4.33
C GLU A 185 12.70 -6.26 4.09
N VAL A 186 11.55 -6.30 3.42
CA VAL A 186 10.91 -7.58 3.10
C VAL A 186 11.82 -8.53 2.35
N LEU A 187 12.47 -8.02 1.30
CA LEU A 187 13.40 -8.86 0.51
C LEU A 187 14.60 -9.34 1.34
N THR A 188 15.17 -8.48 2.17
CA THR A 188 16.38 -8.91 2.86
C THR A 188 16.07 -9.99 3.88
N LYS A 189 14.88 -9.97 4.49
CA LYS A 189 14.51 -11.08 5.41
C LYS A 189 14.42 -12.46 4.74
N VAL A 190 14.31 -12.52 3.42
CA VAL A 190 14.21 -13.85 2.78
C VAL A 190 15.49 -14.16 1.99
N ARG A 191 16.29 -13.14 1.73
CA ARG A 191 17.59 -13.28 1.04
C ARG A 191 18.31 -14.56 1.43
N PRO A 192 18.43 -14.82 2.75
CA PRO A 192 19.12 -16.02 3.22
C PRO A 192 18.62 -17.34 2.63
N TYR A 193 17.36 -17.39 2.21
CA TYR A 193 16.75 -18.65 1.73
C TYR A 193 16.76 -18.84 0.20
N VAL A 194 17.35 -17.86 -0.50
CA VAL A 194 17.45 -17.87 -1.96
C VAL A 194 18.72 -18.58 -2.46
N SER A 195 18.60 -19.59 -3.33
CA SER A 195 19.82 -20.22 -3.85
C SER A 195 20.61 -19.31 -4.74
N TYR A 196 19.93 -18.51 -5.56
CA TYR A 196 20.64 -17.63 -6.47
C TYR A 196 19.73 -16.59 -7.08
N PHE A 197 20.37 -15.53 -7.56
CA PHE A 197 19.71 -14.49 -8.30
C PHE A 197 20.24 -14.61 -9.71
N HIS A 198 19.34 -14.82 -10.67
CA HIS A 198 19.77 -15.02 -12.05
C HIS A 198 18.66 -14.78 -13.07
N SER A 199 19.07 -14.28 -14.23
CA SER A 199 18.14 -13.96 -15.33
C SER A 199 17.22 -15.06 -15.85
N SER A 200 17.72 -16.29 -15.87
CA SER A 200 17.20 -17.30 -16.76
C SER A 200 17.47 -18.72 -16.28
N LYS A 201 18.36 -18.86 -15.31
CA LYS A 201 18.73 -20.19 -14.81
C LYS A 201 17.52 -20.97 -14.29
N TYR A 202 16.54 -20.27 -13.73
CA TYR A 202 15.37 -20.98 -13.23
C TYR A 202 14.68 -21.83 -14.28
N ILE A 203 14.71 -21.38 -15.54
CA ILE A 203 13.96 -22.14 -16.59
C ILE A 203 14.39 -23.59 -16.62
N SER A 204 15.69 -23.83 -16.73
CA SER A 204 16.16 -25.21 -16.81
C SER A 204 16.13 -25.88 -15.44
N ASP A 205 16.53 -25.16 -14.39
CA ASP A 205 16.41 -25.72 -13.06
C ASP A 205 14.98 -26.17 -12.76
N LEU A 206 13.95 -25.38 -13.12
CA LEU A 206 12.57 -25.86 -12.93
C LEU A 206 12.30 -27.12 -13.74
N ALA A 207 12.63 -27.07 -15.02
CA ALA A 207 12.39 -28.19 -15.93
C ALA A 207 13.08 -29.45 -15.50
N ASN A 208 14.33 -29.35 -15.05
CA ASN A 208 15.13 -30.54 -14.70
C ASN A 208 14.75 -31.18 -13.37
N GLY A 209 14.09 -30.43 -12.50
CA GLY A 209 13.78 -30.91 -11.16
C GLY A 209 14.76 -30.42 -10.10
N ASN A 210 15.54 -29.37 -10.39
CA ASN A 210 16.63 -28.95 -9.49
C ASN A 210 16.22 -27.90 -8.44
N ILE A 211 15.17 -27.15 -8.72
CA ILE A 211 14.65 -26.20 -7.73
C ILE A 211 13.17 -26.47 -7.67
N CYS A 212 12.50 -25.96 -6.64
CA CYS A 212 11.08 -26.24 -6.49
C CYS A 212 10.22 -25.02 -6.77
N VAL A 213 10.78 -23.84 -6.56
CA VAL A 213 10.03 -22.62 -6.76
C VAL A 213 10.90 -21.53 -7.39
N ALA A 214 10.27 -20.63 -8.14
CA ALA A 214 10.98 -19.53 -8.77
C ALA A 214 10.12 -18.33 -9.04
N PHE A 215 10.68 -17.15 -8.84
CA PHE A 215 10.05 -15.93 -9.31
C PHE A 215 10.27 -15.91 -10.82
N GLY A 216 9.20 -15.77 -11.61
CA GLY A 216 9.41 -15.90 -13.05
C GLY A 216 8.38 -15.20 -13.91
N TYR A 217 8.67 -15.11 -15.22
CA TYR A 217 7.70 -14.56 -16.17
C TYR A 217 6.95 -15.70 -16.73
N SER A 218 5.72 -15.40 -17.12
CA SER A 218 4.78 -16.46 -17.54
C SER A 218 5.30 -17.29 -18.70
N GLY A 219 5.81 -16.64 -19.75
CA GLY A 219 6.27 -17.38 -20.94
C GLY A 219 7.48 -18.23 -20.64
N ASP A 220 8.35 -17.74 -19.76
CA ASP A 220 9.53 -18.52 -19.34
C ASP A 220 9.12 -19.74 -18.51
N VAL A 221 8.09 -19.59 -17.69
CA VAL A 221 7.67 -20.73 -16.88
C VAL A 221 7.03 -21.77 -17.78
N PHE A 222 6.21 -21.34 -18.75
CA PHE A 222 5.59 -22.27 -19.72
C PHE A 222 6.71 -22.99 -20.48
N GLN A 223 7.75 -22.28 -20.86
CA GLN A 223 8.84 -22.99 -21.52
C GLN A 223 9.37 -24.11 -20.63
N ALA A 224 9.55 -23.81 -19.34
CA ALA A 224 10.06 -24.79 -18.40
C ALA A 224 9.11 -25.96 -18.34
N ALA A 225 7.81 -25.65 -18.28
CA ALA A 225 6.80 -26.69 -18.20
C ALA A 225 6.84 -27.59 -19.43
N ALA A 226 6.85 -27.00 -20.63
CA ALA A 226 6.86 -27.82 -21.86
C ALA A 226 8.13 -28.67 -21.94
N ARG A 227 9.25 -28.09 -21.57
CA ARG A 227 10.51 -28.84 -21.55
C ARG A 227 10.39 -30.00 -20.55
N ALA A 228 9.74 -29.75 -19.41
CA ALA A 228 9.58 -30.80 -18.42
C ALA A 228 8.75 -31.94 -19.00
N GLU A 229 7.58 -31.61 -19.54
CA GLU A 229 6.68 -32.55 -20.20
C GLU A 229 7.33 -33.38 -21.31
N GLU A 230 8.12 -32.74 -22.17
CA GLU A 230 8.79 -33.45 -23.25
C GLU A 230 10.01 -34.24 -22.80
N ALA A 231 10.40 -34.09 -21.54
CA ALA A 231 11.50 -34.89 -21.01
C ALA A 231 10.99 -36.27 -20.53
N GLY A 232 9.71 -36.35 -20.16
CA GLY A 232 9.08 -37.63 -19.82
C GLY A 232 9.45 -38.20 -18.46
N LYS A 233 9.91 -37.35 -17.55
CA LYS A 233 10.35 -37.82 -16.25
C LYS A 233 9.38 -37.36 -15.15
N GLY A 234 8.16 -37.01 -15.56
CA GLY A 234 7.07 -36.70 -14.63
C GLY A 234 7.13 -35.35 -13.92
N ILE A 235 8.10 -34.49 -14.26
CA ILE A 235 8.21 -33.20 -13.57
C ILE A 235 7.06 -32.25 -13.91
N ASP A 236 6.26 -31.90 -12.93
CA ASP A 236 5.06 -31.11 -13.19
C ASP A 236 5.26 -29.66 -12.76
N ILE A 237 5.37 -28.75 -13.73
CA ILE A 237 5.60 -27.33 -13.47
C ILE A 237 4.34 -26.52 -13.70
N GLN A 238 3.92 -25.84 -12.65
CA GLN A 238 2.70 -25.08 -12.60
C GLN A 238 3.09 -23.62 -12.43
N TYR A 239 2.27 -22.72 -12.93
CA TYR A 239 2.47 -21.27 -12.82
C TYR A 239 1.27 -20.64 -12.14
N VAL A 240 1.51 -19.59 -11.36
CA VAL A 240 0.42 -18.91 -10.70
C VAL A 240 0.59 -17.39 -10.63
N ILE A 241 -0.49 -16.67 -10.95
CA ILE A 241 -0.50 -15.23 -10.74
C ILE A 241 -1.10 -15.05 -9.36
N PRO A 242 -0.36 -14.47 -8.42
CA PRO A 242 -0.85 -14.48 -7.04
C PRO A 242 -1.99 -13.52 -6.79
N LYS A 243 -2.81 -13.86 -5.78
CA LYS A 243 -4.00 -13.05 -5.40
C LYS A 243 -3.74 -11.57 -5.23
N GLU A 244 -2.52 -11.19 -4.79
CA GLU A 244 -2.26 -9.77 -4.60
C GLU A 244 -2.06 -9.03 -5.92
N GLY A 245 -2.00 -9.74 -7.04
CA GLY A 245 -1.76 -9.09 -8.31
C GLY A 245 -0.32 -9.37 -8.73
N ALA A 246 0.04 -8.89 -9.92
CA ALA A 246 1.36 -9.10 -10.47
C ALA A 246 1.58 -8.15 -11.64
N ASN A 247 2.78 -8.14 -12.17
CA ASN A 247 3.07 -7.33 -13.33
C ASN A 247 2.28 -7.83 -14.54
N LEU A 248 1.90 -6.89 -15.40
CA LEU A 248 1.23 -7.18 -16.65
C LEU A 248 2.12 -6.56 -17.72
N TRP A 249 2.56 -7.35 -18.69
CA TRP A 249 3.42 -6.81 -19.75
C TRP A 249 2.80 -7.15 -21.09
N PHE A 250 3.05 -6.33 -22.10
CA PHE A 250 2.40 -6.49 -23.38
C PHE A 250 3.45 -6.53 -24.46
N ASP A 251 3.31 -7.38 -25.46
CA ASP A 251 3.95 -7.09 -26.75
C ASP A 251 2.93 -6.39 -27.66
N LEU A 252 3.41 -5.44 -28.44
CA LEU A 252 2.52 -4.50 -29.07
C LEU A 252 2.82 -4.42 -30.55
N MET A 253 1.80 -4.10 -31.34
CA MET A 253 2.11 -3.69 -32.71
C MET A 253 2.13 -2.17 -32.77
N ALA A 254 3.17 -1.63 -33.40
CA ALA A 254 3.29 -0.19 -33.62
C ALA A 254 3.91 0.11 -34.98
N ILE A 255 3.63 1.30 -35.51
CA ILE A 255 4.17 1.74 -36.82
C ILE A 255 5.30 2.72 -36.53
N PRO A 256 6.50 2.45 -37.04
CA PRO A 256 7.58 3.42 -36.80
C PRO A 256 7.27 4.75 -37.45
N ALA A 257 7.86 5.81 -36.91
CA ALA A 257 7.78 7.16 -37.52
C ALA A 257 8.20 7.19 -38.99
N ASP A 258 9.30 6.51 -39.31
CA ASP A 258 9.83 6.45 -40.65
C ASP A 258 8.95 5.69 -41.65
N ALA A 259 7.98 4.93 -41.16
CA ALA A 259 7.24 3.94 -41.99
C ALA A 259 6.69 4.39 -43.35
N LYS A 260 7.02 3.64 -44.39
CA LYS A 260 6.54 3.93 -45.75
C LYS A 260 5.08 3.52 -45.95
N ALA A 261 4.84 2.21 -45.91
CA ALA A 261 3.51 1.64 -46.16
C ALA A 261 2.58 1.67 -44.95
N ALA A 262 2.05 2.83 -44.60
CA ALA A 262 1.09 2.92 -43.48
C ALA A 262 -0.20 2.15 -43.76
N ASP A 263 -0.81 2.33 -44.93
CA ASP A 263 -2.06 1.66 -45.20
C ASP A 263 -1.99 0.12 -45.21
N ASN A 264 -0.93 -0.43 -45.81
CA ASN A 264 -0.70 -1.84 -45.73
C ASN A 264 -0.70 -2.23 -44.26
N ALA A 265 0.05 -1.47 -43.49
CA ALA A 265 0.26 -1.75 -42.08
C ALA A 265 -1.06 -1.75 -41.27
N TYR A 266 -1.93 -0.76 -41.51
CA TYR A 266 -3.23 -0.74 -40.85
C TYR A 266 -4.06 -1.97 -41.18
N ALA A 267 -3.96 -2.43 -42.41
CA ALA A 267 -4.64 -3.66 -42.84
C ALA A 267 -4.16 -4.85 -42.01
N PHE A 268 -2.85 -4.99 -41.84
CA PHE A 268 -2.33 -6.07 -41.04
C PHE A 268 -2.81 -5.96 -39.60
N ILE A 269 -2.73 -4.75 -39.05
CA ILE A 269 -3.11 -4.54 -37.65
C ILE A 269 -4.59 -4.86 -37.45
N ASP A 270 -5.45 -4.35 -38.31
CA ASP A 270 -6.92 -4.60 -38.26
C ASP A 270 -7.18 -6.10 -38.35
N TYR A 271 -6.39 -6.78 -39.17
CA TYR A 271 -6.52 -8.22 -39.31
C TYR A 271 -6.28 -8.99 -38.00
N LEU A 272 -5.24 -8.59 -37.26
CA LEU A 272 -4.84 -9.27 -36.05
C LEU A 272 -5.79 -8.91 -34.92
N LEU A 273 -6.64 -7.92 -35.13
CA LEU A 273 -7.68 -7.59 -34.15
C LEU A 273 -8.92 -8.44 -34.39
N ARG A 274 -8.90 -9.25 -35.44
CA ARG A 274 -9.97 -10.21 -35.66
C ARG A 274 -9.90 -11.41 -34.69
N PRO A 275 -11.04 -11.74 -34.07
CA PRO A 275 -11.10 -12.84 -33.11
C PRO A 275 -10.55 -14.16 -33.64
N GLU A 276 -11.01 -14.55 -34.83
CA GLU A 276 -10.60 -15.86 -35.31
C GLU A 276 -9.15 -15.86 -35.70
N VAL A 277 -8.57 -14.66 -35.87
CA VAL A 277 -7.16 -14.59 -36.28
C VAL A 277 -6.24 -14.58 -35.05
N ILE A 278 -6.52 -13.69 -34.10
CA ILE A 278 -5.68 -13.66 -32.93
C ILE A 278 -5.88 -14.94 -32.09
N ALA A 279 -7.04 -15.61 -32.23
CA ALA A 279 -7.23 -16.89 -31.53
C ALA A 279 -6.19 -17.92 -31.93
N LYS A 280 -5.83 -17.96 -33.21
CA LYS A 280 -4.89 -18.99 -33.68
C LYS A 280 -3.50 -18.67 -33.16
N VAL A 281 -3.14 -17.41 -33.17
CA VAL A 281 -1.88 -16.94 -32.60
C VAL A 281 -1.76 -17.39 -31.14
N SER A 282 -2.78 -17.13 -30.34
CA SER A 282 -2.73 -17.58 -28.94
C SER A 282 -2.61 -19.11 -28.83
N ASP A 283 -3.28 -19.82 -29.74
CA ASP A 283 -3.30 -21.29 -29.67
C ASP A 283 -1.91 -21.77 -29.96
N TYR A 284 -1.27 -21.10 -30.90
CA TYR A 284 0.03 -21.57 -31.24
C TYR A 284 1.02 -21.18 -30.14
N VAL A 285 1.09 -19.90 -29.77
CA VAL A 285 2.16 -19.48 -28.84
C VAL A 285 1.82 -19.74 -27.39
N GLY A 286 0.53 -19.73 -27.07
CA GLY A 286 0.10 -20.11 -25.74
C GLY A 286 0.01 -18.94 -24.79
N TYR A 287 0.09 -17.71 -25.32
CA TYR A 287 -0.17 -16.51 -24.49
C TYR A 287 -1.56 -15.89 -24.71
N ALA A 288 -1.99 -15.09 -23.75
CA ALA A 288 -3.28 -14.42 -23.77
C ALA A 288 -3.22 -13.31 -24.82
N ASN A 289 -4.38 -12.92 -25.36
CA ASN A 289 -4.51 -11.78 -26.28
C ASN A 289 -5.56 -10.83 -25.72
N ALA A 290 -5.79 -9.68 -26.35
CA ALA A 290 -6.70 -8.72 -25.72
C ALA A 290 -8.06 -8.65 -26.42
N ILE A 291 -8.45 -9.77 -27.00
CA ILE A 291 -9.71 -9.80 -27.74
C ILE A 291 -10.62 -10.86 -27.18
N PRO A 292 -11.56 -10.44 -26.33
CA PRO A 292 -12.43 -11.38 -25.65
C PRO A 292 -13.23 -12.23 -26.67
N GLY A 293 -13.56 -11.67 -27.83
CA GLY A 293 -14.17 -12.44 -28.90
C GLY A 293 -13.37 -13.70 -29.22
N ALA A 294 -12.08 -13.68 -28.92
CA ALA A 294 -11.26 -14.80 -29.31
C ALA A 294 -11.42 -15.98 -28.36
N ARG A 295 -11.85 -15.73 -27.13
CA ARG A 295 -11.76 -16.77 -26.09
C ARG A 295 -12.41 -18.09 -26.49
N PRO A 296 -13.70 -18.04 -26.90
CA PRO A 296 -14.41 -19.26 -27.31
C PRO A 296 -13.83 -19.95 -28.54
N LEU A 297 -13.05 -19.23 -29.36
CA LEU A 297 -12.49 -19.81 -30.58
C LEU A 297 -11.17 -20.50 -30.30
N MET A 298 -10.70 -20.39 -29.07
CA MET A 298 -9.37 -20.82 -28.71
C MET A 298 -9.33 -22.24 -28.14
N ASP A 299 -8.17 -22.89 -28.26
CA ASP A 299 -7.89 -24.09 -27.51
C ASP A 299 -8.14 -23.96 -26.01
N LYS A 300 -8.83 -24.94 -25.45
CA LYS A 300 -9.12 -24.91 -24.02
C LYS A 300 -7.88 -24.88 -23.14
N SER A 301 -6.86 -25.65 -23.48
CA SER A 301 -5.63 -25.66 -22.68
C SER A 301 -5.11 -24.25 -22.50
N VAL A 302 -5.50 -23.35 -23.40
CA VAL A 302 -5.13 -21.94 -23.25
C VAL A 302 -6.22 -21.07 -22.61
N SER A 303 -7.40 -20.97 -23.21
CA SER A 303 -8.39 -20.04 -22.62
C SER A 303 -8.93 -20.48 -21.27
N ASP A 304 -8.91 -21.78 -20.95
CA ASP A 304 -9.45 -22.23 -19.67
C ASP A 304 -8.42 -22.36 -18.58
N SER A 305 -7.18 -21.96 -18.91
CA SER A 305 -6.09 -22.09 -18.00
C SER A 305 -5.92 -20.81 -17.21
N GLU A 306 -6.06 -20.89 -15.90
CA GLU A 306 -5.83 -19.72 -15.06
C GLU A 306 -4.35 -19.28 -15.03
N GLU A 307 -3.46 -20.09 -15.56
CA GLU A 307 -2.08 -19.60 -15.76
C GLU A 307 -2.02 -18.41 -16.75
N VAL A 308 -2.97 -18.35 -17.67
CA VAL A 308 -2.92 -17.33 -18.73
C VAL A 308 -4.12 -16.39 -18.68
N TYR A 309 -5.27 -16.92 -18.25
CA TYR A 309 -6.45 -16.09 -18.06
C TYR A 309 -6.95 -16.28 -16.67
N PRO A 310 -6.41 -15.47 -15.73
CA PRO A 310 -6.71 -15.60 -14.29
C PRO A 310 -8.06 -15.01 -13.99
N PRO A 311 -8.64 -15.36 -12.82
CA PRO A 311 -10.00 -14.89 -12.56
C PRO A 311 -10.01 -13.38 -12.39
N GLN A 312 -11.20 -12.81 -12.40
CA GLN A 312 -11.39 -11.36 -12.38
C GLN A 312 -10.77 -10.68 -11.16
N ALA A 313 -10.88 -11.30 -9.98
CA ALA A 313 -10.35 -10.67 -8.77
C ALA A 313 -8.83 -10.48 -8.98
N VAL A 314 -8.19 -11.42 -9.68
CA VAL A 314 -6.78 -11.26 -10.00
C VAL A 314 -6.55 -10.20 -11.09
N LEU A 315 -7.21 -10.33 -12.24
CA LEU A 315 -7.06 -9.33 -13.31
C LEU A 315 -7.09 -7.88 -12.79
N ASP A 316 -7.97 -7.63 -11.83
CA ASP A 316 -8.09 -6.30 -11.25
C ASP A 316 -6.80 -5.76 -10.58
N LYS A 317 -5.91 -6.66 -10.19
CA LYS A 317 -4.76 -6.27 -9.39
C LYS A 317 -3.44 -6.33 -10.16
N LEU A 318 -3.52 -6.52 -11.47
CA LEU A 318 -2.30 -6.51 -12.27
C LEU A 318 -1.84 -5.08 -12.36
N TYR A 319 -0.55 -4.85 -12.54
CA TYR A 319 -0.10 -3.47 -12.67
C TYR A 319 0.87 -3.38 -13.83
N VAL A 320 0.71 -2.33 -14.63
CA VAL A 320 1.63 -2.05 -15.71
C VAL A 320 2.76 -1.20 -15.16
N SER A 321 3.99 -1.49 -15.56
CA SER A 321 5.14 -0.66 -15.17
C SER A 321 5.06 0.72 -15.78
N ALA A 322 5.18 1.77 -14.98
CA ALA A 322 5.16 3.11 -15.56
C ALA A 322 6.57 3.45 -16.03
N VAL A 323 6.71 4.54 -16.79
CA VAL A 323 8.03 5.04 -17.14
C VAL A 323 8.59 5.69 -15.89
N LEU A 324 9.62 5.11 -15.29
CA LEU A 324 10.14 5.71 -14.08
C LEU A 324 11.25 6.70 -14.43
N PRO A 325 11.37 7.82 -13.69
CA PRO A 325 12.49 8.75 -13.83
C PRO A 325 13.78 8.00 -13.64
N ALA A 326 14.81 8.44 -14.35
CA ALA A 326 16.16 7.85 -14.24
C ALA A 326 16.58 7.68 -12.77
N LYS A 327 16.32 8.70 -11.96
CA LYS A 327 16.61 8.66 -10.53
C LYS A 327 16.04 7.41 -9.84
N VAL A 328 14.83 7.01 -10.23
CA VAL A 328 14.19 5.89 -9.55
C VAL A 328 14.81 4.58 -10.01
N LEU A 329 15.17 4.51 -11.29
CA LEU A 329 15.83 3.31 -11.83
C LEU A 329 17.14 3.09 -11.09
N ARG A 330 17.89 4.16 -10.85
CA ARG A 330 19.11 4.04 -10.06
C ARG A 330 18.84 3.64 -8.62
N LEU A 331 17.76 4.14 -8.04
CA LEU A 331 17.39 3.72 -6.68
C LEU A 331 17.09 2.19 -6.62
N GLN A 332 16.35 1.66 -7.59
CA GLN A 332 16.08 0.22 -7.66
C GLN A 332 17.40 -0.53 -7.64
N THR A 333 18.28 -0.17 -8.57
CA THR A 333 19.54 -0.85 -8.73
C THR A 333 20.34 -0.86 -7.43
N ARG A 334 20.45 0.33 -6.85
CA ARG A 334 21.09 0.54 -5.57
C ARG A 334 20.54 -0.38 -4.49
N THR A 335 19.21 -0.46 -4.41
CA THR A 335 18.58 -1.27 -3.38
C THR A 335 18.78 -2.73 -3.68
N TRP A 336 18.75 -3.06 -4.95
CA TRP A 336 18.92 -4.46 -5.34
C TRP A 336 20.32 -4.94 -4.96
N THR A 337 21.31 -4.08 -5.11
CA THR A 337 22.66 -4.49 -4.77
C THR A 337 22.77 -4.73 -3.25
N ARG A 338 22.26 -3.81 -2.42
CA ARG A 338 22.38 -4.06 -0.98
C ARG A 338 21.73 -5.42 -0.64
N ILE A 339 20.64 -5.75 -1.31
CA ILE A 339 19.94 -6.97 -1.01
C ILE A 339 20.79 -8.21 -1.26
N LYS A 340 21.54 -8.23 -2.37
CA LYS A 340 22.38 -9.39 -2.69
C LYS A 340 23.62 -9.50 -1.81
N SER B 6 17.41 6.94 41.68
CA SER B 6 16.92 7.86 40.61
C SER B 6 15.92 7.16 39.70
N LEU B 7 14.72 7.73 39.57
CA LEU B 7 13.70 7.21 38.68
C LEU B 7 13.83 7.79 37.27
N HIS B 8 14.12 6.94 36.30
CA HIS B 8 14.39 7.39 34.92
C HIS B 8 13.17 7.30 34.00
N ILE B 9 12.71 8.46 33.53
CA ILE B 9 11.46 8.53 32.81
C ILE B 9 11.73 9.02 31.39
N TYR B 10 10.93 8.55 30.43
CA TYR B 10 11.14 8.90 29.03
C TYR B 10 9.80 9.24 28.44
N ASN B 11 9.59 10.51 28.10
CA ASN B 11 8.34 11.02 27.60
C ASN B 11 8.55 11.94 26.39
N TRP B 12 7.48 12.34 25.72
CA TRP B 12 7.57 13.36 24.68
C TRP B 12 8.05 14.72 25.26
N THR B 13 8.71 15.55 24.43
CA THR B 13 9.05 16.92 24.85
C THR B 13 7.80 17.69 25.20
N ASP B 14 7.91 18.55 26.21
CA ASP B 14 6.84 19.50 26.52
C ASP B 14 5.48 18.81 26.70
N TYR B 15 5.45 17.75 27.51
CA TYR B 15 4.26 16.92 27.61
C TYR B 15 3.95 16.58 29.06
N ILE B 16 4.06 17.59 29.91
CA ILE B 16 3.83 17.46 31.35
C ILE B 16 3.75 18.88 31.93
N ALA B 17 2.94 19.05 32.98
CA ALA B 17 2.80 20.34 33.68
C ALA B 17 4.12 20.84 34.26
N PRO B 18 4.26 22.16 34.45
CA PRO B 18 5.53 22.67 34.95
C PRO B 18 5.79 22.23 36.38
N THR B 19 4.75 22.04 37.19
CA THR B 19 4.92 21.74 38.62
C THR B 19 4.86 20.24 39.02
N THR B 20 4.65 19.36 38.06
CA THR B 20 4.39 17.96 38.35
C THR B 20 5.59 17.24 38.99
N LEU B 21 6.73 17.27 38.32
CA LEU B 21 7.92 16.63 38.82
C LEU B 21 8.36 17.16 40.18
N LYS B 22 8.43 18.50 40.35
CA LYS B 22 8.80 19.06 41.66
C LYS B 22 7.86 18.53 42.73
N ASP B 23 6.56 18.75 42.58
CA ASP B 23 5.59 18.27 43.58
C ASP B 23 5.73 16.78 43.87
N PHE B 24 6.13 16.00 42.87
CA PHE B 24 6.28 14.56 43.06
C PHE B 24 7.46 14.27 43.96
N THR B 25 8.60 14.86 43.61
CA THR B 25 9.80 14.68 44.37
C THR B 25 9.59 15.18 45.81
N LYS B 26 8.84 16.25 45.97
CA LYS B 26 8.64 16.83 47.29
C LYS B 26 8.03 15.85 48.26
N GLU B 27 7.03 15.10 47.79
CA GLU B 27 6.22 14.31 48.71
C GLU B 27 6.76 12.89 48.89
N SER B 28 7.51 12.41 47.90
CA SER B 28 8.00 11.04 47.91
C SER B 28 9.53 10.96 48.08
N GLY B 29 10.24 12.04 47.76
CA GLY B 29 11.67 12.08 47.96
C GLY B 29 12.45 11.28 46.94
N ILE B 30 11.75 10.84 45.89
CA ILE B 30 12.34 10.16 44.73
C ILE B 30 12.88 11.16 43.71
N ASP B 31 14.17 11.09 43.38
CA ASP B 31 14.73 11.95 42.34
C ASP B 31 14.37 11.39 40.96
N VAL B 32 13.72 12.20 40.14
CA VAL B 32 13.46 11.81 38.77
C VAL B 32 14.60 12.22 37.84
N SER B 33 14.96 11.36 36.91
CA SER B 33 15.82 11.77 35.82
C SER B 33 14.95 11.63 34.56
N TYR B 34 14.61 12.76 33.96
CA TYR B 34 13.49 12.83 33.05
C TYR B 34 14.02 13.25 31.71
N ASP B 35 13.99 12.34 30.75
CA ASP B 35 14.43 12.63 29.40
C ASP B 35 13.26 12.65 28.43
N VAL B 36 13.45 13.31 27.30
CA VAL B 36 12.37 13.50 26.37
C VAL B 36 12.77 13.10 24.99
N PHE B 37 11.80 12.71 24.18
CA PHE B 37 11.99 12.50 22.75
C PHE B 37 10.97 13.37 22.03
N ASP B 38 11.19 13.64 20.76
CA ASP B 38 10.19 14.42 20.03
C ASP B 38 9.63 13.64 18.85
N SER B 39 10.05 12.38 18.71
CA SER B 39 9.47 11.51 17.72
C SER B 39 9.18 10.11 18.23
N ASN B 40 8.15 9.52 17.65
CA ASN B 40 7.74 8.18 17.95
C ASN B 40 8.85 7.16 17.73
N GLU B 41 9.49 7.25 16.58
CA GLU B 41 10.51 6.28 16.18
C GLU B 41 11.59 6.10 17.24
N THR B 42 11.99 7.20 17.88
CA THR B 42 13.12 7.17 18.83
C THR B 42 12.82 6.23 19.99
N LEU B 43 11.63 6.43 20.57
CA LEU B 43 11.21 5.64 21.72
C LEU B 43 11.00 4.17 21.33
N GLU B 44 10.25 3.94 20.25
CA GLU B 44 9.93 2.58 19.87
C GLU B 44 11.19 1.79 19.59
N GLY B 45 12.10 2.37 18.82
CA GLY B 45 13.40 1.74 18.55
C GLY B 45 14.08 1.22 19.81
N LYS B 46 14.12 2.05 20.85
CA LYS B 46 14.75 1.65 22.08
C LYS B 46 13.95 0.61 22.88
N LEU B 47 12.62 0.65 22.79
CA LEU B 47 11.81 -0.31 23.55
C LEU B 47 11.86 -1.68 22.89
N VAL B 48 11.91 -1.70 21.57
CA VAL B 48 12.01 -2.95 20.80
C VAL B 48 13.36 -3.67 21.06
N SER B 49 14.40 -2.90 21.35
CA SER B 49 15.74 -3.45 21.67
C SER B 49 15.70 -4.29 22.93
N GLY B 50 14.95 -3.84 23.92
CA GLY B 50 14.97 -4.56 25.17
C GLY B 50 15.79 -3.90 26.24
N HIS B 51 16.78 -3.07 25.87
CA HIS B 51 17.35 -2.19 26.90
C HIS B 51 17.55 -0.72 26.61
N SER B 52 16.47 0.00 26.85
CA SER B 52 16.49 1.41 27.10
C SER B 52 16.45 1.48 28.61
N GLY B 53 17.47 2.01 29.26
CA GLY B 53 17.51 1.87 30.72
C GLY B 53 16.37 2.49 31.52
N TYR B 54 15.24 2.74 30.86
CA TYR B 54 14.16 3.51 31.51
C TYR B 54 13.29 2.72 32.46
N ASP B 55 12.91 3.38 33.53
CA ASP B 55 12.00 2.85 34.50
C ASP B 55 10.55 2.99 34.08
N ILE B 56 10.23 4.12 33.44
CA ILE B 56 8.88 4.39 32.91
C ILE B 56 9.02 5.01 31.53
N VAL B 57 8.14 4.59 30.61
CA VAL B 57 8.11 5.17 29.31
C VAL B 57 6.67 5.55 28.98
N VAL B 58 6.49 6.39 27.97
CA VAL B 58 5.15 6.82 27.55
C VAL B 58 4.94 6.51 26.08
N PRO B 59 4.58 5.25 25.79
CA PRO B 59 4.35 4.86 24.38
C PRO B 59 2.89 5.01 23.98
N SER B 60 2.59 4.92 22.70
CA SER B 60 1.19 4.96 22.27
C SER B 60 0.49 3.61 22.56
N ASN B 61 -0.84 3.56 22.52
CA ASN B 61 -1.55 2.31 22.78
C ASN B 61 -1.45 1.36 21.60
N ASN B 62 -1.34 1.93 20.41
CA ASN B 62 -1.03 1.15 19.22
C ASN B 62 0.31 0.42 19.34
N PHE B 63 1.38 1.12 19.68
CA PHE B 63 2.67 0.45 19.83
C PHE B 63 2.57 -0.62 20.93
N LEU B 64 2.04 -0.25 22.08
CA LEU B 64 2.03 -1.17 23.22
C LEU B 64 1.23 -2.44 22.92
N GLY B 65 0.11 -2.29 22.22
CA GLY B 65 -0.75 -3.44 21.88
C GLY B 65 0.01 -4.40 20.97
N LYS B 66 0.81 -3.84 20.10
CA LYS B 66 1.58 -4.62 19.14
C LYS B 66 2.76 -5.29 19.80
N GLN B 67 3.18 -4.77 20.94
CA GLN B 67 4.44 -5.15 21.54
C GLN B 67 4.34 -5.95 22.85
N ILE B 68 3.13 -6.05 23.41
CA ILE B 68 2.93 -6.88 24.58
C ILE B 68 3.47 -8.28 24.30
N GLN B 69 2.93 -8.92 23.27
CA GLN B 69 3.31 -10.26 22.90
C GLN B 69 4.83 -10.43 22.84
N ALA B 70 5.54 -9.38 22.45
CA ALA B 70 6.98 -9.51 22.25
C ALA B 70 7.72 -9.37 23.58
N GLY B 71 6.97 -9.11 24.65
CA GLY B 71 7.55 -8.99 25.98
C GLY B 71 8.39 -7.73 26.23
N ALA B 72 8.13 -6.67 25.48
CA ALA B 72 8.90 -5.44 25.69
C ALA B 72 8.58 -4.78 27.03
N PHE B 73 7.41 -5.08 27.55
CA PHE B 73 6.98 -4.51 28.81
C PHE B 73 6.81 -5.60 29.86
N GLN B 74 6.59 -5.19 31.10
CA GLN B 74 6.36 -6.15 32.16
C GLN B 74 5.07 -5.79 32.88
N LYS B 75 4.37 -6.78 33.40
CA LYS B 75 3.07 -6.58 34.01
C LYS B 75 3.12 -5.62 35.18
N LEU B 76 2.02 -4.89 35.36
CA LEU B 76 1.88 -3.96 36.46
C LEU B 76 1.52 -4.73 37.71
N ASP B 77 2.24 -4.44 38.78
CA ASP B 77 1.83 -4.89 40.11
C ASP B 77 0.72 -3.96 40.62
N LYS B 78 -0.52 -4.38 40.49
CA LYS B 78 -1.62 -3.48 40.78
C LYS B 78 -1.90 -3.19 42.25
N SER B 79 -1.44 -4.09 43.12
CA SER B 79 -1.60 -3.84 44.55
C SER B 79 -0.72 -2.65 44.95
N LYS B 80 0.32 -2.38 44.16
CA LYS B 80 1.11 -1.18 44.36
C LYS B 80 0.53 0.09 43.69
N LEU B 81 -0.69 0.01 43.20
CA LEU B 81 -1.33 1.17 42.61
C LEU B 81 -2.68 1.42 43.27
N PRO B 82 -2.65 1.96 44.50
CA PRO B 82 -3.89 2.13 45.25
C PRO B 82 -4.88 3.14 44.61
N ASN B 83 -4.37 4.12 43.88
CA ASN B 83 -5.25 5.08 43.19
C ASN B 83 -5.91 4.54 41.93
N TRP B 84 -5.71 3.26 41.67
CA TRP B 84 -6.23 2.69 40.47
C TRP B 84 -7.72 2.98 40.27
N LYS B 85 -8.50 3.00 41.35
CA LYS B 85 -9.96 3.13 41.22
C LYS B 85 -10.42 4.55 40.85
N ASN B 86 -9.49 5.50 40.84
CA ASN B 86 -9.75 6.81 40.25
C ASN B 86 -9.97 6.73 38.73
N LEU B 87 -9.29 5.79 38.07
CA LEU B 87 -9.38 5.64 36.62
C LEU B 87 -10.81 5.40 36.18
N ASP B 88 -11.21 6.03 35.07
CA ASP B 88 -12.52 5.80 34.48
C ASP B 88 -12.65 4.36 33.94
N PRO B 89 -13.68 3.63 34.39
CA PRO B 89 -13.92 2.27 33.93
C PRO B 89 -14.18 2.12 32.42
N ALA B 90 -14.84 3.09 31.80
CA ALA B 90 -15.23 2.96 30.41
C ALA B 90 -14.03 3.11 29.47
N LEU B 91 -13.13 4.01 29.81
CA LEU B 91 -11.94 4.24 29.02
C LEU B 91 -10.99 3.06 29.22
N LEU B 92 -10.98 2.52 30.42
CA LEU B 92 -10.13 1.39 30.73
C LEU B 92 -10.53 0.18 29.91
N LYS B 93 -11.84 -0.01 29.78
CA LYS B 93 -12.39 -1.10 29.05
C LYS B 93 -12.08 -0.93 27.57
N GLN B 94 -12.09 0.30 27.11
CA GLN B 94 -11.67 0.63 25.74
C GLN B 94 -10.22 0.28 25.52
N LEU B 95 -9.40 0.64 26.50
CA LEU B 95 -7.98 0.39 26.41
C LEU B 95 -7.64 -1.12 26.33
N GLU B 96 -8.53 -1.98 26.86
CA GLU B 96 -8.32 -3.44 26.79
C GLU B 96 -8.29 -4.00 25.37
N VAL B 97 -8.85 -3.26 24.41
CA VAL B 97 -8.70 -3.68 23.03
C VAL B 97 -7.20 -3.79 22.71
N SER B 98 -6.38 -2.94 23.34
CA SER B 98 -4.93 -2.97 23.15
C SER B 98 -4.20 -3.79 24.23
N ASP B 99 -4.71 -3.75 25.46
CA ASP B 99 -4.02 -4.38 26.58
C ASP B 99 -5.00 -5.15 27.43
N PRO B 100 -5.34 -6.38 27.00
CA PRO B 100 -6.41 -7.14 27.64
C PRO B 100 -6.18 -7.26 29.15
N GLY B 101 -7.21 -6.90 29.94
CA GLY B 101 -7.12 -6.97 31.40
C GLY B 101 -6.30 -5.83 31.99
N ASN B 102 -5.91 -4.87 31.15
CA ASN B 102 -5.11 -3.74 31.62
C ASN B 102 -3.89 -4.19 32.41
N GLN B 103 -3.15 -5.14 31.86
CA GLN B 103 -2.05 -5.73 32.59
C GLN B 103 -0.74 -4.96 32.49
N TYR B 104 -0.61 -4.10 31.49
CA TYR B 104 0.68 -3.48 31.22
C TYR B 104 0.77 -1.96 31.30
N ALA B 105 -0.36 -1.25 31.13
CA ALA B 105 -0.31 0.18 30.88
C ALA B 105 -1.34 0.95 31.68
N VAL B 106 -0.98 2.16 32.07
CA VAL B 106 -1.86 3.10 32.79
C VAL B 106 -2.07 4.31 31.90
N PRO B 107 -3.32 4.76 31.73
CA PRO B 107 -3.50 5.91 30.86
C PRO B 107 -2.81 7.17 31.42
N TYR B 108 -2.19 7.93 30.53
CA TYR B 108 -1.59 9.21 30.87
C TYR B 108 -2.52 10.31 30.39
N LEU B 109 -2.55 10.54 29.08
CA LEU B 109 -3.52 11.39 28.42
C LEU B 109 -4.16 10.64 27.25
N TRP B 110 -5.22 11.18 26.66
CA TRP B 110 -5.84 10.56 25.49
C TRP B 110 -6.43 11.60 24.54
N GLY B 111 -6.75 11.20 23.32
CA GLY B 111 -7.20 12.13 22.27
C GLY B 111 -7.92 11.38 21.16
N THR B 112 -8.30 12.07 20.10
CA THR B 112 -9.09 11.42 19.08
C THR B 112 -8.60 11.73 17.68
N ASN B 113 -9.23 11.15 16.66
CA ASN B 113 -9.15 11.74 15.32
C ASN B 113 -10.49 12.29 14.95
N GLY B 114 -10.53 13.15 13.94
CA GLY B 114 -11.74 13.96 13.73
C GLY B 114 -11.57 14.96 12.61
N ILE B 115 -12.45 15.95 12.57
CA ILE B 115 -12.39 16.93 11.53
C ILE B 115 -11.87 18.27 12.04
N GLY B 116 -10.76 18.74 11.49
CA GLY B 116 -10.26 20.05 11.83
C GLY B 116 -10.67 21.03 10.74
N TYR B 117 -11.24 22.18 11.11
CA TYR B 117 -11.71 23.13 10.11
C TYR B 117 -11.65 24.64 10.42
N ASN B 118 -11.37 25.41 9.37
CA ASN B 118 -11.53 26.86 9.36
C ASN B 118 -13.00 27.29 9.49
N VAL B 119 -13.39 27.87 10.61
CA VAL B 119 -14.83 28.07 10.87
C VAL B 119 -15.52 29.01 9.90
N ALA B 120 -14.88 30.14 9.62
CA ALA B 120 -15.41 31.13 8.68
C ALA B 120 -15.58 30.54 7.27
N LYS B 121 -14.55 29.85 6.78
CA LYS B 121 -14.58 29.29 5.42
C LYS B 121 -15.65 28.21 5.21
N VAL B 122 -15.98 27.46 6.25
CA VAL B 122 -17.08 26.51 6.15
C VAL B 122 -18.42 27.22 6.05
N LYS B 123 -18.55 28.38 6.68
CA LYS B 123 -19.76 29.18 6.53
C LYS B 123 -19.92 29.71 5.09
N GLU B 124 -18.79 30.12 4.50
CA GLU B 124 -18.74 30.63 3.12
C GLU B 124 -19.32 29.69 2.05
N VAL B 125 -19.32 28.38 2.31
CA VAL B 125 -19.90 27.43 1.35
C VAL B 125 -21.05 26.58 1.90
N LEU B 126 -21.06 26.31 3.21
CA LEU B 126 -22.05 25.41 3.80
C LEU B 126 -23.09 26.11 4.63
N GLY B 127 -22.88 27.40 4.90
CA GLY B 127 -23.84 28.16 5.67
C GLY B 127 -23.83 27.62 7.08
N ASP B 128 -25.01 27.26 7.59
CA ASP B 128 -25.11 26.73 8.95
C ASP B 128 -25.62 25.29 8.98
N GLN B 129 -25.05 24.48 8.11
CA GLN B 129 -25.21 23.05 8.21
C GLN B 129 -24.44 22.61 9.45
N PRO B 130 -24.99 21.65 10.24
CA PRO B 130 -24.23 21.16 11.39
C PRO B 130 -22.94 20.37 11.00
N ILE B 131 -21.77 20.89 11.39
CA ILE B 131 -20.53 20.14 11.20
C ILE B 131 -20.30 19.17 12.38
N ASP B 132 -20.85 17.98 12.26
CA ASP B 132 -20.85 17.03 13.36
C ASP B 132 -20.85 15.60 12.87
N SER B 133 -20.48 15.40 11.60
CA SER B 133 -20.54 14.07 10.98
C SER B 133 -19.40 13.80 9.97
N TRP B 134 -19.01 12.54 9.85
CA TRP B 134 -17.99 12.20 8.86
C TRP B 134 -18.54 12.44 7.45
N ALA B 135 -19.84 12.69 7.34
CA ALA B 135 -20.44 12.95 6.04
C ALA B 135 -19.82 14.21 5.47
N ILE B 136 -19.39 15.12 6.34
CA ILE B 136 -18.72 16.33 5.89
C ILE B 136 -17.55 15.99 5.00
N LEU B 137 -16.91 14.86 5.28
CA LEU B 137 -15.73 14.45 4.52
C LEU B 137 -16.05 13.32 3.54
N PHE B 138 -17.07 12.53 3.85
CA PHE B 138 -17.29 11.30 3.12
C PHE B 138 -18.46 11.32 2.13
N GLU B 139 -19.20 12.43 2.07
CA GLU B 139 -20.32 12.54 1.14
C GLU B 139 -19.95 13.54 0.07
N PRO B 140 -20.11 13.14 -1.20
CA PRO B 140 -19.91 14.00 -2.36
C PRO B 140 -20.68 15.33 -2.26
N GLU B 141 -21.92 15.31 -1.75
CA GLU B 141 -22.72 16.54 -1.64
C GLU B 141 -22.01 17.62 -0.83
N ASN B 142 -21.19 17.20 0.14
CA ASN B 142 -20.49 18.14 1.00
C ASN B 142 -19.11 18.43 0.47
N MET B 143 -18.41 17.38 0.07
CA MET B 143 -17.07 17.57 -0.44
C MET B 143 -17.06 18.42 -1.71
N LYS B 144 -18.18 18.45 -2.40
CA LYS B 144 -18.24 19.19 -3.67
C LYS B 144 -18.06 20.68 -3.42
N LYS B 145 -18.56 21.14 -2.27
CA LYS B 145 -18.54 22.56 -1.92
C LYS B 145 -17.30 22.98 -1.13
N LEU B 146 -16.69 22.03 -0.43
CA LEU B 146 -15.52 22.32 0.37
C LEU B 146 -14.27 22.23 -0.48
N ALA B 147 -14.38 21.59 -1.63
CA ALA B 147 -13.24 21.49 -2.52
C ALA B 147 -12.80 22.88 -3.00
N LYS B 148 -13.67 23.88 -2.91
CA LYS B 148 -13.27 25.25 -3.27
C LYS B 148 -12.10 25.74 -2.39
N CYS B 149 -12.22 25.58 -1.06
CA CYS B 149 -11.20 26.09 -0.13
C CYS B 149 -9.96 25.20 -0.02
N GLY B 150 -10.10 23.93 -0.36
CA GLY B 150 -9.01 22.97 -0.16
C GLY B 150 -9.32 22.05 1.01
N VAL B 151 -9.30 20.74 0.73
CA VAL B 151 -9.56 19.73 1.75
C VAL B 151 -8.33 18.84 1.83
N ALA B 152 -7.83 18.60 3.04
CA ALA B 152 -6.66 17.74 3.21
C ALA B 152 -6.97 16.41 3.90
N PHE B 153 -6.47 15.32 3.33
CA PHE B 153 -6.63 14.00 3.88
C PHE B 153 -5.23 13.54 4.29
N MET B 154 -5.18 12.73 5.34
CA MET B 154 -3.92 12.17 5.79
C MET B 154 -3.48 11.09 4.83
N ASP B 155 -2.27 10.59 5.00
CA ASP B 155 -1.73 9.68 4.03
C ASP B 155 -1.46 8.30 4.60
N SER B 156 -2.44 7.73 5.28
CA SER B 156 -2.35 6.34 5.69
C SER B 156 -3.72 5.67 5.78
N GLY B 157 -3.79 4.43 5.32
CA GLY B 157 -5.02 3.71 5.38
C GLY B 157 -5.40 3.27 6.78
N ASP B 158 -4.43 3.14 7.67
CA ASP B 158 -4.68 2.63 9.01
C ASP B 158 -5.53 3.59 9.84
N GLU B 159 -5.60 4.84 9.42
CA GLU B 159 -6.41 5.83 10.12
C GLU B 159 -7.68 6.21 9.33
N MET B 160 -7.51 6.41 8.05
CA MET B 160 -8.60 6.88 7.24
C MET B 160 -9.62 5.78 6.91
N LEU B 161 -9.13 4.56 6.70
CA LEU B 161 -10.02 3.49 6.34
C LEU B 161 -10.95 3.03 7.49
N PRO B 162 -10.41 2.89 8.72
CA PRO B 162 -11.35 2.62 9.81
C PRO B 162 -12.37 3.74 9.99
N ALA B 163 -12.00 4.98 9.72
CA ALA B 163 -12.98 6.05 9.86
C ALA B 163 -14.17 5.85 8.92
N ALA B 164 -13.88 5.49 7.68
CA ALA B 164 -14.92 5.30 6.69
C ALA B 164 -15.76 4.09 7.04
N LEU B 165 -15.10 3.02 7.49
CA LEU B 165 -15.79 1.82 7.94
C LEU B 165 -16.83 2.18 8.98
N ASN B 166 -16.36 2.72 10.09
CA ASN B 166 -17.25 3.09 11.17
C ASN B 166 -18.39 4.04 10.70
N TYR B 167 -18.05 5.00 9.86
CA TYR B 167 -19.07 5.86 9.30
C TYR B 167 -20.22 5.07 8.66
N LEU B 168 -19.89 3.97 7.99
CA LEU B 168 -20.90 3.22 7.29
C LEU B 168 -21.63 2.34 8.27
N GLY B 169 -21.04 2.13 9.44
CA GLY B 169 -21.60 1.28 10.45
C GLY B 169 -21.02 -0.11 10.48
N LEU B 170 -19.94 -0.32 9.70
CA LEU B 170 -19.20 -1.56 9.71
C LEU B 170 -18.18 -1.51 10.83
N ASP B 171 -17.58 -2.65 11.14
CA ASP B 171 -16.59 -2.72 12.20
C ASP B 171 -15.27 -2.09 11.78
N PRO B 172 -14.82 -1.05 12.51
CA PRO B 172 -13.59 -0.36 12.13
C PRO B 172 -12.38 -1.30 12.20
N ASN B 173 -12.48 -2.31 13.05
CA ASN B 173 -11.47 -3.33 13.16
C ASN B 173 -11.78 -4.60 12.37
N THR B 174 -12.53 -4.48 11.27
CA THR B 174 -12.88 -5.67 10.47
C THR B 174 -11.68 -6.26 9.71
N HIS B 175 -11.73 -7.58 9.52
CA HIS B 175 -10.77 -8.32 8.69
C HIS B 175 -11.36 -8.62 7.31
N ASP B 176 -12.63 -8.33 7.14
CA ASP B 176 -13.33 -8.79 5.94
C ASP B 176 -13.06 -7.90 4.72
N PRO B 177 -12.49 -8.48 3.65
CA PRO B 177 -12.23 -7.65 2.47
C PRO B 177 -13.51 -7.08 1.83
N LYS B 178 -14.65 -7.72 2.08
CA LYS B 178 -15.94 -7.17 1.61
C LYS B 178 -16.23 -5.81 2.25
N ASP B 179 -15.97 -5.72 3.54
CA ASP B 179 -16.10 -4.48 4.26
C ASP B 179 -15.12 -3.46 3.65
N TYR B 180 -13.87 -3.86 3.46
CA TYR B 180 -12.87 -2.92 2.93
C TYR B 180 -13.26 -2.31 1.55
N LYS B 181 -13.88 -3.12 0.70
CA LYS B 181 -14.30 -2.66 -0.62
C LYS B 181 -15.39 -1.59 -0.51
N LYS B 182 -16.33 -1.80 0.43
CA LYS B 182 -17.35 -0.82 0.75
C LYS B 182 -16.72 0.52 1.18
N ALA B 183 -15.77 0.48 2.09
CA ALA B 183 -15.11 1.69 2.52
C ALA B 183 -14.29 2.28 1.38
N GLU B 184 -13.67 1.41 0.58
CA GLU B 184 -12.91 1.87 -0.59
C GLU B 184 -13.82 2.69 -1.49
N GLU B 185 -15.00 2.16 -1.73
CA GLU B 185 -16.00 2.82 -2.57
C GLU B 185 -16.32 4.25 -2.10
N VAL B 186 -16.69 4.40 -0.83
CA VAL B 186 -16.91 5.71 -0.23
C VAL B 186 -15.76 6.72 -0.40
N LEU B 187 -14.53 6.27 -0.12
CA LEU B 187 -13.38 7.14 -0.19
C LEU B 187 -13.10 7.51 -1.63
N THR B 188 -13.14 6.52 -2.51
CA THR B 188 -12.91 6.82 -3.92
C THR B 188 -13.97 7.79 -4.48
N LYS B 189 -15.20 7.73 -3.98
CA LYS B 189 -16.21 8.69 -4.43
C LYS B 189 -15.92 10.13 -4.02
N VAL B 190 -15.27 10.34 -2.89
CA VAL B 190 -14.93 11.70 -2.53
C VAL B 190 -13.51 12.08 -3.00
N ARG B 191 -12.74 11.09 -3.42
CA ARG B 191 -11.35 11.30 -3.86
C ARG B 191 -11.16 12.55 -4.72
N PRO B 192 -11.99 12.72 -5.74
CA PRO B 192 -11.81 13.85 -6.66
C PRO B 192 -11.71 15.21 -5.94
N TYR B 193 -12.43 15.36 -4.82
CA TYR B 193 -12.53 16.66 -4.15
C TYR B 193 -11.45 16.87 -3.09
N VAL B 194 -10.41 16.03 -3.11
CA VAL B 194 -9.34 16.07 -2.13
C VAL B 194 -8.09 16.72 -2.72
N SER B 195 -7.67 17.85 -2.15
CA SER B 195 -6.48 18.54 -2.59
C SER B 195 -5.22 17.70 -2.45
N TYR B 196 -5.00 17.09 -1.29
CA TYR B 196 -3.80 16.27 -1.12
C TYR B 196 -3.88 15.26 0.02
N PHE B 197 -3.01 14.25 -0.05
CA PHE B 197 -2.88 13.22 0.96
C PHE B 197 -1.53 13.36 1.60
N HIS B 198 -1.52 13.74 2.88
CA HIS B 198 -0.26 14.00 3.57
C HIS B 198 -0.36 13.87 5.09
N SER B 199 0.71 13.36 5.68
CA SER B 199 0.80 13.12 7.13
C SER B 199 0.66 14.36 8.01
N SER B 200 1.20 15.49 7.55
CA SER B 200 1.39 16.62 8.45
C SER B 200 1.20 18.02 7.86
N LYS B 201 1.07 18.10 6.53
CA LYS B 201 0.88 19.38 5.87
C LYS B 201 -0.35 20.11 6.41
N TYR B 202 -1.43 19.39 6.62
CA TYR B 202 -2.65 20.07 7.05
C TYR B 202 -2.47 20.93 8.30
N ILE B 203 -1.40 20.70 9.04
CA ILE B 203 -1.16 21.50 10.24
C ILE B 203 -0.90 22.96 9.85
N SER B 204 0.14 23.17 9.06
CA SER B 204 0.46 24.52 8.61
C SER B 204 -0.60 25.05 7.64
N ASP B 205 -1.08 24.22 6.72
CA ASP B 205 -2.15 24.65 5.81
C ASP B 205 -3.43 25.08 6.51
N LEU B 206 -3.76 24.45 7.61
CA LEU B 206 -4.93 24.93 8.34
C LEU B 206 -4.59 26.24 9.01
N ALA B 207 -3.34 26.37 9.45
CA ALA B 207 -2.93 27.54 10.22
C ALA B 207 -2.97 28.76 9.30
N ASN B 208 -2.32 28.61 8.15
CA ASN B 208 -2.20 29.68 7.17
C ASN B 208 -3.52 30.03 6.50
N GLY B 209 -4.45 29.09 6.48
CA GLY B 209 -5.70 29.30 5.73
C GLY B 209 -5.60 28.75 4.32
N ASN B 210 -4.65 27.87 4.07
CA ASN B 210 -4.47 27.23 2.77
C ASN B 210 -5.44 26.08 2.45
N ILE B 211 -6.12 25.57 3.47
CA ILE B 211 -7.20 24.60 3.33
C ILE B 211 -8.27 25.02 4.31
N CYS B 212 -9.47 24.50 4.20
CA CYS B 212 -10.52 24.85 5.16
C CYS B 212 -10.95 23.68 6.04
N VAL B 213 -10.94 22.48 5.48
CA VAL B 213 -11.25 21.29 6.24
C VAL B 213 -10.17 20.23 6.03
N ALA B 214 -9.99 19.38 7.03
CA ALA B 214 -8.94 18.35 7.03
C ALA B 214 -9.29 17.22 8.01
N PHE B 215 -8.96 16.00 7.63
CA PHE B 215 -9.07 14.89 8.56
C PHE B 215 -7.82 14.95 9.45
N GLY B 216 -7.98 15.00 10.76
CA GLY B 216 -6.79 15.07 11.64
C GLY B 216 -6.91 14.49 13.04
N TYR B 217 -5.78 14.38 13.73
CA TYR B 217 -5.80 14.03 15.15
C TYR B 217 -6.01 15.25 16.03
N SER B 218 -6.68 15.07 17.16
CA SER B 218 -7.00 16.18 18.03
C SER B 218 -5.79 17.07 18.41
N GLY B 219 -4.67 16.45 18.79
CA GLY B 219 -3.47 17.23 19.12
C GLY B 219 -2.94 18.07 17.96
N ASP B 220 -2.76 17.44 16.80
CA ASP B 220 -2.32 18.15 15.60
C ASP B 220 -3.20 19.37 15.25
N VAL B 221 -4.51 19.24 15.39
CA VAL B 221 -5.41 20.34 15.06
C VAL B 221 -5.27 21.49 16.06
N PHE B 222 -5.26 21.16 17.35
CA PHE B 222 -5.06 22.15 18.40
C PHE B 222 -3.78 22.95 18.14
N GLN B 223 -2.71 22.30 17.71
CA GLN B 223 -1.55 23.05 17.28
C GLN B 223 -2.00 24.08 16.26
N ALA B 224 -2.64 23.63 15.18
CA ALA B 224 -3.03 24.52 14.09
C ALA B 224 -3.86 25.71 14.57
N ALA B 225 -4.78 25.46 15.49
CA ALA B 225 -5.58 26.53 16.06
C ALA B 225 -4.73 27.54 16.84
N ALA B 226 -4.05 27.08 17.89
CA ALA B 226 -3.22 27.97 18.68
C ALA B 226 -2.19 28.70 17.82
N ARG B 227 -1.60 28.00 16.86
CA ARG B 227 -0.64 28.61 15.93
C ARG B 227 -1.30 29.71 15.09
N ALA B 228 -2.58 29.51 14.76
CA ALA B 228 -3.33 30.56 14.07
C ALA B 228 -3.45 31.78 14.96
N GLU B 229 -3.96 31.61 16.18
CA GLU B 229 -4.16 32.73 17.11
C GLU B 229 -2.92 33.57 17.39
N GLU B 230 -1.76 32.92 17.44
CA GLU B 230 -0.50 33.63 17.66
C GLU B 230 -0.02 34.27 16.37
N ALA B 231 -0.56 33.84 15.24
CA ALA B 231 -0.27 34.49 13.96
C ALA B 231 -1.15 35.72 13.76
N GLY B 232 -2.17 35.84 14.62
CA GLY B 232 -2.98 37.05 14.77
C GLY B 232 -3.79 37.52 13.58
N LYS B 233 -4.04 36.63 12.62
CA LYS B 233 -4.75 37.00 11.40
C LYS B 233 -6.24 36.69 11.44
N GLY B 234 -6.79 36.43 12.62
CA GLY B 234 -8.24 36.15 12.75
C GLY B 234 -8.69 34.72 12.46
N ILE B 235 -7.84 33.94 11.79
CA ILE B 235 -8.13 32.53 11.43
C ILE B 235 -8.57 31.65 12.60
N ASP B 236 -9.82 31.19 12.54
CA ASP B 236 -10.39 30.40 13.60
C ASP B 236 -10.37 28.91 13.18
N ILE B 237 -9.70 28.08 13.96
CA ILE B 237 -9.68 26.65 13.68
C ILE B 237 -10.36 25.89 14.79
N GLN B 238 -11.44 25.20 14.43
CA GLN B 238 -12.26 24.44 15.35
C GLN B 238 -12.08 22.94 15.00
N TYR B 239 -12.20 22.07 16.00
CA TYR B 239 -12.05 20.63 15.81
C TYR B 239 -13.31 19.94 16.29
N VAL B 240 -13.75 18.89 15.59
CA VAL B 240 -14.94 18.19 16.05
C VAL B 240 -14.76 16.68 15.99
N ILE B 241 -15.32 16.02 17.01
CA ILE B 241 -15.43 14.58 17.10
C ILE B 241 -16.84 14.25 16.65
N PRO B 242 -16.98 13.67 15.46
CA PRO B 242 -18.27 13.43 14.82
C PRO B 242 -19.22 12.44 15.51
N LYS B 243 -20.51 12.70 15.37
CA LYS B 243 -21.56 11.88 15.98
C LYS B 243 -21.47 10.37 15.79
N GLU B 244 -20.83 9.89 14.70
CA GLU B 244 -20.81 8.44 14.46
C GLU B 244 -19.75 7.72 15.28
N GLY B 245 -18.90 8.49 15.94
CA GLY B 245 -17.74 7.96 16.66
C GLY B 245 -16.46 8.29 15.92
N ALA B 246 -15.32 8.00 16.53
CA ALA B 246 -14.04 8.29 15.95
C ALA B 246 -13.00 7.45 16.65
N ASN B 247 -11.77 7.47 16.17
CA ASN B 247 -10.70 6.77 16.85
C ASN B 247 -10.42 7.37 18.21
N LEU B 248 -10.16 6.49 19.16
CA LEU B 248 -9.74 6.87 20.50
C LEU B 248 -8.36 6.30 20.69
N TRP B 249 -7.43 7.15 21.12
CA TRP B 249 -6.04 6.75 21.26
C TRP B 249 -5.52 7.21 22.61
N PHE B 250 -4.45 6.58 23.10
CA PHE B 250 -3.96 6.85 24.44
C PHE B 250 -2.46 6.99 24.41
N ASP B 251 -1.96 7.94 25.19
CA ASP B 251 -0.57 7.88 25.57
C ASP B 251 -0.57 7.28 26.96
N LEU B 252 0.36 6.36 27.18
CA LEU B 252 0.25 5.50 28.35
C LEU B 252 1.54 5.56 29.17
N MET B 253 1.42 5.21 30.45
CA MET B 253 2.61 4.95 31.25
C MET B 253 2.80 3.45 31.33
N ALA B 254 4.02 2.97 31.11
CA ALA B 254 4.32 1.54 31.11
C ALA B 254 5.76 1.25 31.56
N ILE B 255 6.04 0.02 32.02
CA ILE B 255 7.39 -0.31 32.49
C ILE B 255 8.09 -1.30 31.56
N PRO B 256 9.24 -0.90 31.00
CA PRO B 256 9.99 -1.81 30.11
C PRO B 256 10.42 -3.05 30.88
N ALA B 257 10.66 -4.16 30.18
CA ALA B 257 10.92 -5.45 30.85
C ALA B 257 12.18 -5.37 31.72
N ASP B 258 13.21 -4.75 31.18
CA ASP B 258 14.50 -4.56 31.81
C ASP B 258 14.49 -3.57 32.98
N ALA B 259 13.34 -3.06 33.35
CA ALA B 259 13.30 -2.02 34.36
C ALA B 259 13.81 -2.50 35.72
N LYS B 260 14.80 -1.79 36.25
CA LYS B 260 15.34 -2.02 37.59
C LYS B 260 14.30 -1.61 38.63
N ALA B 261 14.38 -0.33 38.99
CA ALA B 261 13.70 0.30 40.12
C ALA B 261 12.19 0.12 40.17
N ALA B 262 11.72 -0.88 40.91
CA ALA B 262 10.31 -1.21 40.98
C ALA B 262 9.53 -0.14 41.74
N ASP B 263 9.80 0.00 43.03
CA ASP B 263 8.93 0.82 43.87
C ASP B 263 9.01 2.32 43.57
N ASN B 264 10.20 2.79 43.21
CA ASN B 264 10.35 4.09 42.60
C ASN B 264 9.27 4.29 41.57
N ALA B 265 9.29 3.37 40.60
CA ALA B 265 8.46 3.49 39.41
C ALA B 265 6.99 3.55 39.74
N TYR B 266 6.55 2.68 40.64
CA TYR B 266 5.14 2.61 40.96
C TYR B 266 4.66 3.85 41.70
N ALA B 267 5.57 4.51 42.40
CA ALA B 267 5.21 5.68 43.17
C ALA B 267 4.74 6.75 42.20
N PHE B 268 5.55 6.98 41.18
CA PHE B 268 5.25 7.93 40.14
C PHE B 268 3.89 7.66 39.51
N ILE B 269 3.61 6.40 39.19
CA ILE B 269 2.37 6.07 38.47
C ILE B 269 1.16 6.37 39.32
N ASP B 270 1.20 5.93 40.56
CA ASP B 270 0.09 6.14 41.45
C ASP B 270 -0.11 7.65 41.63
N TYR B 271 0.98 8.38 41.63
CA TYR B 271 0.91 9.83 41.74
C TYR B 271 0.11 10.46 40.59
N LEU B 272 0.48 10.16 39.34
CA LEU B 272 -0.23 10.68 38.18
C LEU B 272 -1.71 10.25 38.09
N LEU B 273 -2.16 9.40 39.00
CA LEU B 273 -3.56 8.96 39.00
C LEU B 273 -4.38 9.80 39.96
N ARG B 274 -3.69 10.69 40.66
CA ARG B 274 -4.33 11.58 41.62
C ARG B 274 -5.05 12.71 40.90
N PRO B 275 -6.33 12.93 41.24
CA PRO B 275 -7.15 13.88 40.51
C PRO B 275 -6.55 15.27 40.34
N GLU B 276 -5.84 15.78 41.35
CA GLU B 276 -5.29 17.12 41.28
C GLU B 276 -3.97 17.10 40.57
N VAL B 277 -3.41 15.91 40.40
CA VAL B 277 -2.11 15.84 39.75
C VAL B 277 -2.25 15.81 38.24
N ILE B 278 -3.05 14.85 37.74
CA ILE B 278 -3.25 14.74 36.31
C ILE B 278 -4.02 15.96 35.83
N ALA B 279 -4.84 16.53 36.71
CA ALA B 279 -5.58 17.76 36.38
C ALA B 279 -4.65 18.87 35.91
N LYS B 280 -3.44 18.92 36.46
CA LYS B 280 -2.50 19.96 36.06
C LYS B 280 -1.84 19.66 34.73
N VAL B 281 -1.63 18.38 34.43
CA VAL B 281 -1.00 17.97 33.17
C VAL B 281 -1.94 18.36 32.04
N SER B 282 -3.22 18.05 32.22
CA SER B 282 -4.25 18.39 31.24
C SER B 282 -4.32 19.92 31.03
N ASP B 283 -4.39 20.68 32.14
CA ASP B 283 -4.37 22.15 32.06
C ASP B 283 -3.29 22.67 31.14
N TYR B 284 -2.09 22.13 31.28
CA TYR B 284 -0.95 22.61 30.50
C TYR B 284 -0.85 22.08 29.05
N VAL B 285 -0.91 20.77 28.84
CA VAL B 285 -0.77 20.27 27.46
C VAL B 285 -2.07 20.48 26.67
N GLY B 286 -3.21 20.38 27.34
CA GLY B 286 -4.48 20.63 26.69
C GLY B 286 -5.21 19.38 26.21
N TYR B 287 -4.82 18.19 26.74
CA TYR B 287 -5.54 16.94 26.41
C TYR B 287 -6.35 16.34 27.56
N ALA B 288 -7.33 15.53 27.21
CA ALA B 288 -8.14 14.87 28.20
C ALA B 288 -7.31 13.81 28.90
N ASN B 289 -7.73 13.44 30.12
CA ASN B 289 -7.08 12.40 30.91
C ASN B 289 -8.13 11.38 31.28
N ALA B 290 -7.73 10.29 31.91
CA ALA B 290 -8.66 9.19 32.20
C ALA B 290 -9.13 9.18 33.66
N ILE B 291 -9.15 10.34 34.30
CA ILE B 291 -9.57 10.40 35.70
C ILE B 291 -10.74 11.38 35.91
N PRO B 292 -11.97 10.85 36.00
CA PRO B 292 -13.16 11.69 36.13
C PRO B 292 -13.01 12.68 37.27
N GLY B 293 -12.46 12.22 38.40
CA GLY B 293 -12.23 13.09 39.54
C GLY B 293 -11.45 14.36 39.18
N ALA B 294 -10.75 14.33 38.05
CA ALA B 294 -9.91 15.47 37.66
C ALA B 294 -10.73 16.61 37.06
N ARG B 295 -11.87 16.28 36.48
CA ARG B 295 -12.62 17.26 35.68
C ARG B 295 -12.74 18.62 36.36
N PRO B 296 -13.40 18.66 37.55
CA PRO B 296 -13.68 19.91 38.28
C PRO B 296 -12.47 20.80 38.52
N LEU B 297 -11.30 20.20 38.71
CA LEU B 297 -10.12 20.93 39.15
C LEU B 297 -9.34 21.47 37.97
N MET B 298 -9.86 21.25 36.77
CA MET B 298 -9.17 21.70 35.55
C MET B 298 -9.69 23.02 35.01
N ASP B 299 -8.85 23.70 34.26
CA ASP B 299 -9.25 24.84 33.46
C ASP B 299 -10.49 24.59 32.64
N LYS B 300 -11.32 25.63 32.49
CA LYS B 300 -12.52 25.47 31.68
C LYS B 300 -12.20 25.31 30.21
N SER B 301 -11.17 25.99 29.73
CA SER B 301 -10.85 25.93 28.32
C SER B 301 -10.52 24.50 27.84
N VAL B 302 -10.17 23.62 28.77
CA VAL B 302 -10.11 22.19 28.55
C VAL B 302 -11.24 21.67 29.40
N SER B 303 -12.07 20.78 28.87
CA SER B 303 -13.05 20.15 29.75
C SER B 303 -14.43 20.79 29.71
N ASP B 304 -14.52 21.98 29.12
CA ASP B 304 -15.81 22.52 28.74
C ASP B 304 -15.77 22.67 27.23
N SER B 305 -14.65 22.22 26.67
CA SER B 305 -14.41 22.24 25.24
C SER B 305 -14.66 20.86 24.74
N GLU B 306 -15.73 20.69 23.97
CA GLU B 306 -16.10 19.33 23.52
C GLU B 306 -15.13 18.79 22.48
N GLU B 307 -14.23 19.64 22.03
CA GLU B 307 -13.12 19.17 21.24
C GLU B 307 -12.28 18.16 22.05
N VAL B 308 -12.37 18.21 23.37
CA VAL B 308 -11.57 17.32 24.18
C VAL B 308 -12.38 16.45 25.10
N TYR B 309 -13.60 16.86 25.46
CA TYR B 309 -14.45 16.07 26.34
C TYR B 309 -15.87 15.97 25.80
N PRO B 310 -16.05 15.22 24.70
CA PRO B 310 -17.31 15.15 23.96
C PRO B 310 -18.47 14.62 24.79
N PRO B 311 -19.71 14.94 24.39
CA PRO B 311 -20.90 14.40 25.07
C PRO B 311 -20.89 12.87 25.16
N GLN B 312 -21.75 12.32 26.02
CA GLN B 312 -21.77 10.88 26.29
C GLN B 312 -22.21 10.05 25.08
N ALA B 313 -23.10 10.60 24.28
CA ALA B 313 -23.55 9.88 23.10
C ALA B 313 -22.33 9.61 22.20
N VAL B 314 -21.43 10.60 22.13
CA VAL B 314 -20.26 10.48 21.27
C VAL B 314 -19.19 9.56 21.88
N LEU B 315 -18.80 9.85 23.13
CA LEU B 315 -17.91 8.99 23.90
C LEU B 315 -18.23 7.50 23.72
N ASP B 316 -19.51 7.17 23.64
CA ASP B 316 -19.93 5.78 23.56
C ASP B 316 -19.53 5.08 22.26
N LYS B 317 -19.17 5.88 21.25
CA LYS B 317 -19.02 5.39 19.89
C LYS B 317 -17.60 5.49 19.40
N LEU B 318 -16.69 5.91 20.26
CA LEU B 318 -15.29 5.92 19.94
C LEU B 318 -14.86 4.47 19.82
N TYR B 319 -13.79 4.22 19.07
CA TYR B 319 -13.33 2.86 18.90
C TYR B 319 -11.81 2.86 18.99
N VAL B 320 -11.28 1.84 19.66
CA VAL B 320 -9.85 1.69 19.79
C VAL B 320 -9.32 0.79 18.67
N SER B 321 -8.21 1.16 18.05
CA SER B 321 -7.63 0.30 17.00
C SER B 321 -7.13 -1.01 17.57
N ALA B 322 -7.57 -2.12 16.99
CA ALA B 322 -7.06 -3.40 17.43
C ALA B 322 -5.70 -3.72 16.76
N VAL B 323 -5.04 -4.76 17.23
CA VAL B 323 -3.89 -5.28 16.49
C VAL B 323 -4.44 -6.07 15.30
N LEU B 324 -4.13 -5.66 14.08
CA LEU B 324 -4.64 -6.42 12.94
C LEU B 324 -3.60 -7.43 12.47
N PRO B 325 -4.08 -8.60 12.03
CA PRO B 325 -3.17 -9.58 11.46
C PRO B 325 -2.46 -8.98 10.23
N ALA B 326 -1.21 -9.35 10.02
CA ALA B 326 -0.39 -8.85 8.90
C ALA B 326 -1.18 -8.84 7.61
N LYS B 327 -1.93 -9.92 7.39
CA LYS B 327 -2.73 -10.07 6.19
C LYS B 327 -3.69 -8.89 6.01
N VAL B 328 -4.26 -8.38 7.12
CA VAL B 328 -5.19 -7.27 7.02
C VAL B 328 -4.46 -5.94 6.83
N LEU B 329 -3.26 -5.81 7.39
CA LEU B 329 -2.52 -4.55 7.24
C LEU B 329 -2.18 -4.30 5.78
N ARG B 330 -1.76 -5.33 5.08
CA ARG B 330 -1.45 -5.22 3.64
C ARG B 330 -2.68 -4.84 2.84
N LEU B 331 -3.83 -5.41 3.22
CA LEU B 331 -5.12 -5.03 2.62
C LEU B 331 -5.43 -3.54 2.80
N GLN B 332 -5.34 -3.02 4.03
CA GLN B 332 -5.51 -1.58 4.28
C GLN B 332 -4.62 -0.82 3.33
N THR B 333 -3.35 -1.21 3.29
CA THR B 333 -2.37 -0.47 2.50
C THR B 333 -2.68 -0.55 1.02
N ARG B 334 -3.05 -1.73 0.57
CA ARG B 334 -3.36 -1.91 -0.85
C ARG B 334 -4.59 -1.08 -1.27
N THR B 335 -5.63 -1.09 -0.43
CA THR B 335 -6.82 -0.28 -0.68
C THR B 335 -6.47 1.19 -0.63
N TRP B 336 -5.69 1.56 0.37
CA TRP B 336 -5.27 2.93 0.45
C TRP B 336 -4.56 3.36 -0.84
N THR B 337 -3.61 2.55 -1.30
CA THR B 337 -2.95 2.87 -2.56
C THR B 337 -3.95 3.08 -3.71
N ARG B 338 -4.92 2.18 -3.89
CA ARG B 338 -5.77 2.34 -5.07
C ARG B 338 -6.51 3.65 -4.97
N ILE B 339 -6.92 4.01 -3.77
CA ILE B 339 -7.63 5.24 -3.55
C ILE B 339 -6.87 6.45 -4.06
N LYS B 340 -5.56 6.47 -3.86
CA LYS B 340 -4.72 7.63 -4.21
C LYS B 340 -4.50 7.82 -5.72
#